data_7RQ5
#
_entry.id   7RQ5
#
loop_
_entity.id
_entity.type
_entity.pdbx_description
1 polymer "RNA (5'-R(*AP*UP*CP*CP*AP*GP*AP*AP*AP*CP*GP*GP*AP*UP*GP*GP*AP*UP*A)-3')"
2 polymer "RNA (5'-D(*(MU5)P*(MLC)P*(MRC))-R(P*(LG)P*(MU3))-3')"
#
loop_
_entity_poly.entity_id
_entity_poly.type
_entity_poly.pdbx_seq_one_letter_code
_entity_poly.pdbx_strand_id
1 'polyribonucleotide' AUCCAGAAACGGAUGGAUA A
2 'polydeoxyribonucleotide' (OMU)(LCC)(OMC)(LCG)(OMU) B
#
loop_
_chem_comp.id
_chem_comp.type
_chem_comp.name
_chem_comp.formula
A RNA linking ADENOSINE-5'-MONOPHOSPHATE 'C10 H14 N5 O7 P'
C RNA linking CYTIDINE-5'-MONOPHOSPHATE 'C9 H14 N3 O8 P'
G RNA linking GUANOSINE-5'-MONOPHOSPHATE 'C10 H14 N5 O8 P'
LCC RNA linking '[(1R,3R,4R,7S)-7-HYDROXY-3-(5-METHYLCYTOSIN-1-YL)-2,5-DIOXABICYCLO[2.2.1]HEPT-1-YL]METHYL DIHYDROGEN PHOSPHATE' 'C11 H16 N3 O8 P'
LCG RNA linking '[(1R,3R,4R,7S)-7-HYDROXY-3-(GUANIN-9-YL)-2,5-DIOXABICYCLO[2.2.1]HEPT-1-YL]METHYL DIHYDROGEN PHOSPHATE' 'C11 H14 N5 O8 P'
OMC RNA linking O2'-METHYLYCYTIDINE-5'-MONOPHOSPHATE 'C10 H16 N3 O8 P'
OMU RNA linking 'O2'-METHYLURIDINE 5'-MONOPHOSPHATE' 'C10 H15 N2 O9 P'
U RNA linking URIDINE-5'-MONOPHOSPHATE 'C9 H13 N2 O9 P'
#
# COMPACT_ATOMS: atom_id res chain seq x y z
N1 OMU B 1 4.18 7.57 4.35
C2 OMU B 1 3.64 6.49 5.05
N3 OMU B 1 2.27 6.43 5.17
C4 OMU B 1 1.38 7.32 4.66
C5 OMU B 1 1.99 8.42 3.94
C6 OMU B 1 3.34 8.52 3.80
O2 OMU B 1 4.32 5.59 5.57
O4 OMU B 1 0.18 7.15 4.83
C1' OMU B 1 5.66 7.72 4.34
C2' OMU B 1 6.34 6.64 3.46
O2' OMU B 1 7.62 6.27 4.02
CM2 OMU B 1 7.52 5.32 5.10
C3' OMU B 1 6.46 7.41 2.12
C4' OMU B 1 6.82 8.80 2.64
O3' OMU B 1 7.41 6.87 1.22
O4' OMU B 1 6.07 8.99 3.85
C5' OMU B 1 6.58 9.94 1.62
O5' OMU B 1 5.24 9.98 1.13
HN3 OMU B 1 1.88 5.63 5.65
H5 OMU B 1 1.34 9.17 3.51
H6 OMU B 1 3.75 9.37 3.27
H1' OMU B 1 6.01 7.63 5.37
H2' OMU B 1 5.70 5.77 3.32
HM21 OMU B 1 8.52 5.03 5.44
HM22 OMU B 1 6.98 5.75 5.96
HM23 OMU B 1 6.99 4.43 4.78
H3' OMU B 1 5.47 7.43 1.66
H4' OMU B 1 7.88 8.79 2.89
H5' OMU B 1 6.81 10.88 2.11
H5'' OMU B 1 7.27 9.82 0.79
HO5' OMU B 1 5.14 9.32 0.41
O5' LCC B 2 6.30 4.60 0.88
C5' LCC B 2 7.10 3.64 1.56
C4' LCC B 2 6.21 2.58 2.23
O4' LCC B 2 5.34 3.15 3.22
C1' LCC B 2 4.31 2.19 3.42
N1 LCC B 2 2.97 2.75 3.09
C6 LCC B 2 2.81 3.96 2.46
C5 LCC B 2 1.59 4.47 2.27
C5M LCC B 2 1.43 5.80 1.51
C4 LCC B 2 0.50 3.71 2.78
N4 LCC B 2 -0.71 4.16 2.69
N3 LCC B 2 0.62 2.55 3.36
C2 LCC B 2 1.85 2.05 3.49
O2 LCC B 2 1.93 0.94 4.01
C3' LCC B 2 5.26 1.85 1.27
C2' LCC B 2 4.74 1.06 2.47
O2' LCC B 2 5.90 0.43 3.04
O3' LCC B 2 5.90 1.05 0.28
C6' LCC B 2 6.94 1.41 2.90
P LCC B 2 6.97 5.83 0.10
O1P LCC B 2 8.19 5.36 -0.58
O2P LCC B 2 5.91 6.48 -0.71
H5'1 LCC B 2 7.71 4.12 2.31
H5'2 LCC B 2 7.75 3.13 0.84
H1' LCC B 2 4.32 1.82 4.46
H6 LCC B 2 3.68 4.50 2.10
H5M1 LCC B 2 2.40 6.24 1.29
H5M2 LCC B 2 0.91 5.62 0.57
H5M3 LCC B 2 0.85 6.50 2.09
H41 LCC B 2 -1.42 3.62 3.17
H42 LCC B 2 -0.85 5.09 2.34
H3' LCC B 2 4.53 2.53 0.84
H2'1 LCC B 2 3.93 0.37 2.22
H6'1 LCC B 2 7.36 1.71 3.87
H6'2 LCC B 2 7.73 1.02 2.26
N1 OMC B 3 0.10 -1.09 1.25
C2 OMC B 3 -1.26 -1.21 1.55
N3 OMC B 3 -2.10 -0.17 1.40
C4 OMC B 3 -1.62 0.96 0.90
C5 OMC B 3 -0.26 1.13 0.52
C6 OMC B 3 0.58 0.08 0.72
O2 OMC B 3 -1.74 -2.27 1.96
N4 OMC B 3 -2.46 1.95 0.80
C1' OMC B 3 1.01 -2.24 1.58
C2' OMC B 3 0.97 -3.32 0.48
O2' OMC B 3 1.11 -4.63 1.07
CM2 OMC B 3 -0.11 -5.15 1.63
C3' OMC B 3 2.19 -2.91 -0.36
C4' OMC B 3 3.16 -2.55 0.78
O4' OMC B 3 2.36 -1.82 1.72
O3' OMC B 3 2.69 -3.93 -1.21
C5' OMC B 3 4.37 -1.74 0.31
O5' OMC B 3 3.98 -0.51 -0.28
P OMC B 3 5.06 0.48 -0.95
OP1 OMC B 3 5.99 -0.32 -1.78
OP2 OMC B 3 4.33 1.59 -1.59
H5 OMC B 3 0.12 2.04 0.10
H6 OMC B 3 1.62 0.17 0.46
HN41 OMC B 3 -3.41 1.83 1.13
HN42 OMC B 3 -2.14 2.83 0.45
H1' OMC B 3 0.67 -2.67 2.52
H2' OMC B 3 0.07 -3.25 -0.13
HM21 OMC B 3 0.07 -6.16 2.00
HM22 OMC B 3 -0.45 -4.54 2.48
HM23 OMC B 3 -0.90 -5.20 0.87
H3' OMC B 3 1.96 -2.00 -0.92
H4' OMC B 3 3.50 -3.48 1.24
H5' OMC B 3 5.03 -1.56 1.15
H5'' OMC B 3 4.91 -2.34 -0.43
P LCG B 4 2.26 -3.99 -2.76
OP1 LCG B 4 2.86 -5.21 -3.36
O5' LCG B 4 0.67 -4.16 -2.72
C5' LCG B 4 0.07 -5.42 -2.40
C3' LCG B 4 -2.14 -4.71 -3.57
C6' LCG B 4 -2.24 -6.61 -2.16
N9 LCG B 4 -3.41 -2.63 -1.68
C8 LCG B 4 -2.47 -1.66 -1.97
C4 LCG B 4 -4.56 -1.95 -1.39
N7 LCG B 4 -2.93 -0.44 -1.90
C5 LCG B 4 -4.28 -0.61 -1.52
C6 LCG B 4 -5.34 0.31 -1.23
C2' LCG B 4 -3.48 -4.85 -2.85
O6 LCG B 4 -5.35 1.54 -1.25
C4' LCG B 4 -1.46 -5.28 -2.33
C1' LCG B 4 -3.22 -4.08 -1.55
C2 LCG B 4 -6.69 -1.60 -0.82
N1 LCG B 4 -6.52 -0.29 -0.89
O4' LCG B 4 -1.87 -4.41 -1.28
OP2 LCG B 4 2.54 -2.68 -3.37
N2 LCG B 4 -7.87 -2.01 -0.50
N3 LCG B 4 -5.75 -2.50 -1.04
O2' LCG B 4 -3.57 -6.24 -2.52
O3' LCG B 4 -2.01 -5.50 -4.76
H5' LCG B 4 0.44 -5.78 -1.45
H5'' LCG B 4 0.32 -6.16 -3.17
H3' LCG B 4 -1.84 -3.68 -3.74
H6'1 LCG B 4 -2.18 -6.95 -1.12
H6'2 LCG B 4 -1.86 -7.37 -2.83
H8 LCG B 4 -1.45 -1.89 -2.22
H2' LCG B 4 -4.33 -4.46 -3.42
H1' LCG B 4 -3.88 -4.46 -0.77
H1 LCG B 4 -7.31 0.31 -0.67
H21 LCG B 4 -8.01 -3.00 -0.43
H22 LCG B 4 -8.63 -1.34 -0.37
N1 OMU B 5 -7.10 -2.34 -4.60
C2 OMU B 5 -8.02 -1.35 -4.22
N3 OMU B 5 -7.54 -0.05 -4.16
C4 OMU B 5 -6.27 0.35 -4.46
C5 OMU B 5 -5.37 -0.71 -4.82
C6 OMU B 5 -5.80 -2.00 -4.89
O2 OMU B 5 -9.20 -1.57 -3.94
O4 OMU B 5 -5.97 1.53 -4.41
C1' OMU B 5 -7.61 -3.73 -4.81
C2' OMU B 5 -8.11 -3.90 -6.26
O2' OMU B 5 -9.29 -4.73 -6.33
CM2 OMU B 5 -10.51 -4.01 -6.03
C3' OMU B 5 -6.92 -4.61 -6.92
C4' OMU B 5 -6.40 -5.48 -5.76
O3' OMU B 5 -7.38 -5.36 -8.03
O4' OMU B 5 -6.59 -4.71 -4.58
C5' OMU B 5 -4.94 -5.90 -5.93
O5' OMU B 5 -4.08 -4.77 -6.03
P OMU B 5 -2.48 -4.94 -6.18
OP1 OMU B 5 -2.21 -5.97 -7.21
OP2 OMU B 5 -1.91 -3.58 -6.35
HN3 OMU B 5 -8.20 0.67 -3.90
H5 OMU B 5 -4.35 -0.48 -5.05
H6 OMU B 5 -5.11 -2.78 -5.17
H1' OMU B 5 -8.44 -3.91 -4.12
H2' OMU B 5 -8.26 -2.94 -6.75
HM21 OMU B 5 -10.50 -3.66 -5.00
HM22 OMU B 5 -11.36 -4.67 -6.16
HM23 OMU B 5 -10.63 -3.15 -6.69
H3' OMU B 5 -6.16 -3.89 -7.22
H4' OMU B 5 -7.02 -6.37 -5.69
HO3' OMU B 5 -8.32 -5.53 -7.83
H5' OMU B 5 -4.66 -6.52 -5.08
H5'' OMU B 5 -4.85 -6.50 -6.84
N1 OMU B 1 6.50 5.54 3.15
C2 OMU B 1 5.74 4.63 3.89
N3 OMU B 1 4.46 5.00 4.22
C4 OMU B 1 3.86 6.21 3.94
C5 OMU B 1 4.70 7.11 3.19
C6 OMU B 1 5.97 6.78 2.81
O2 OMU B 1 6.16 3.53 4.25
O4 OMU B 1 2.71 6.41 4.32
C1' OMU B 1 7.92 5.18 2.83
C2' OMU B 1 8.01 4.05 1.77
O2' OMU B 1 9.18 3.24 2.02
CM2 OMU B 1 9.02 2.27 3.07
C3' OMU B 1 8.10 4.89 0.48
C4' OMU B 1 9.05 5.99 0.96
O3' OMU B 1 8.62 4.18 -0.64
O4' OMU B 1 8.67 6.29 2.30
C5' OMU B 1 9.05 7.26 0.09
O5' OMU B 1 7.78 7.90 0.01
HN3 OMU B 1 3.91 4.35 4.74
H5 OMU B 1 4.30 8.08 2.92
H6 OMU B 1 6.56 7.50 2.28
H1' OMU B 1 8.39 4.86 3.75
H2' OMU B 1 7.11 3.44 1.76
HM21 OMU B 1 8.85 2.77 4.04
HM22 OMU B 1 8.19 1.61 2.87
HM23 OMU B 1 9.93 1.68 3.15
H3' OMU B 1 7.13 5.33 0.25
H4' OMU B 1 10.07 5.58 0.99
H5' OMU B 1 9.79 7.94 0.50
H5'' OMU B 1 9.38 6.97 -0.92
HO5' OMU B 1 7.16 7.34 -0.50
O5' LCC B 2 6.87 2.32 -0.81
C5' LCC B 2 7.53 1.12 -0.41
C4' LCC B 2 6.57 0.26 0.42
O4' LCC B 2 6.15 0.91 1.62
C1' LCC B 2 4.97 0.22 2.04
N1 LCC B 2 3.80 1.14 2.09
C6 LCC B 2 3.83 2.39 1.52
C5 LCC B 2 2.77 3.22 1.64
C5M LCC B 2 2.82 4.58 0.96
C4 LCC B 2 1.68 2.74 2.41
N4 LCC B 2 0.67 3.50 2.62
N3 LCC B 2 1.63 1.56 2.97
C2 LCC B 2 2.69 0.75 2.81
O2 LCC B 2 2.63 -0.36 3.34
C3' LCC B 2 5.26 -0.11 -0.30
C2' LCC B 2 4.84 -0.86 0.95
O2' LCC B 2 5.88 -1.82 1.19
O3' LCC B 2 5.40 -0.92 -1.46
C6' LCC B 2 7.08 -1.14 0.82
P LCC B 2 7.64 3.44 -1.67
O1P LCC B 2 8.49 2.75 -2.69
O2P LCC B 2 6.63 4.42 -2.13
H5'1 LCC B 2 8.42 1.35 0.18
H5'2 LCC B 2 7.82 0.56 -1.30
H1' LCC B 2 5.12 -0.25 3.02
H6 LCC B 2 4.71 2.70 0.95
H5M1 LCC B 2 3.80 4.78 0.52
H5M2 LCC B 2 2.07 4.62 0.15
H5M3 LCC B 2 2.59 5.37 1.68
H41 LCC B 2 -0.08 3.13 3.19
H42 LCC B 2 0.71 4.46 2.31
H3' LCC B 2 4.65 0.78 -0.50
H2'1 LCC B 2 3.84 -1.29 0.90
H6'1 LCC B 2 7.78 -1.07 1.66
H6'2 LCC B 2 7.54 -1.64 -0.03
N1 OMC B 3 -0.06 -1.51 1.07
C2 OMC B 3 -1.26 -1.28 1.75
N3 OMC B 3 -1.85 -0.06 1.71
C4 OMC B 3 -1.28 0.90 1.00
C5 OMC B 3 -0.07 0.72 0.28
C6 OMC B 3 0.52 -0.50 0.34
O2 OMC B 3 -1.82 -2.15 2.40
N4 OMC B 3 -1.90 2.05 1.02
C1' OMC B 3 0.58 -2.87 1.22
C2' OMC B 3 -0.12 -3.88 0.30
O2' OMC B 3 -0.12 -5.19 0.92
CM2 OMC B 3 -1.13 -5.38 1.93
C3' OMC B 3 0.77 -3.81 -0.94
C4' OMC B 3 2.14 -3.74 -0.26
O4' OMC B 3 1.96 -2.87 0.85
O3' OMC B 3 0.65 -4.91 -1.84
C5' OMC B 3 3.29 -3.26 -1.17
O5' OMC B 3 3.08 -1.92 -1.58
P OMC B 3 4.17 -1.15 -2.47
OP1 OMC B 3 4.65 -2.05 -3.55
OP2 OMC B 3 3.62 0.18 -2.83
H5 OMC B 3 0.38 1.51 -0.30
H6 OMC B 3 1.45 -0.67 -0.19
HN41 OMC B 3 -2.74 2.13 1.57
HN42 OMC B 3 -1.50 2.83 0.53
H1' OMC B 3 0.49 -3.18 2.26
H2' OMC B 3 -1.14 -3.56 0.05
HM21 OMC B 3 -1.09 -6.39 2.30
HM22 OMC B 3 -0.98 -4.70 2.77
HM23 OMC B 3 -2.12 -5.20 1.51
H3' OMC B 3 0.59 -2.86 -1.46
H4' OMC B 3 2.39 -4.74 0.11
H5' OMC B 3 4.22 -3.34 -0.61
H5'' OMC B 3 3.36 -3.93 -2.03
P LCG B 4 -0.37 -4.84 -3.07
OP1 LCG B 4 -0.37 -6.17 -3.73
O5' LCG B 4 -1.82 -4.59 -2.42
C5' LCG B 4 -2.53 -5.63 -1.77
C3' LCG B 4 -4.81 -4.45 -2.12
C6' LCG B 4 -4.72 -6.15 -0.48
N9 LCG B 4 -4.69 -1.99 -0.34
C8 LCG B 4 -3.67 -1.34 -0.98
C4 LCG B 4 -5.62 -1.01 -0.04
N7 LCG B 4 -3.87 -0.05 -1.12
C5 LCG B 4 -5.10 0.17 -0.50
C6 LCG B 4 -5.89 1.36 -0.27
C2' LCG B 4 -5.74 -4.20 -0.94
O6 LCG B 4 -5.65 2.52 -0.55
C4' LCG B 4 -3.82 -5.10 -1.15
C1' LCG B 4 -4.81 -3.42 0.02
C2 LCG B 4 -7.48 -0.08 0.75
N1 LCG B 4 -7.09 1.12 0.34
O4' LCG B 4 -3.57 -4.08 -0.17
OP2 LCG B 4 -0.04 -3.65 -3.89
N2 LCG B 4 -8.65 -0.14 1.29
N3 LCG B 4 -6.80 -1.21 0.60
O2' LCG B 4 -5.97 -5.48 -0.36
O3' LCG B 4 -5.34 -5.32 -3.12
H5' LCG B 4 -1.91 -6.06 -0.98
H5'' LCG B 4 -2.77 -6.42 -2.48
H3' LCG B 4 -4.38 -3.54 -2.54
H6'1 LCG B 4 -4.33 -6.44 0.50
H6'2 LCG B 4 -4.82 -7.04 -1.11
H8 LCG B 4 -2.79 -1.86 -1.34
H2' LCG B 4 -6.64 -3.64 -1.19
H1' LCG B 4 -5.17 -3.52 1.05
H1 LCG B 4 -7.65 1.93 0.55
H21 LCG B 4 -8.97 -1.04 1.60
H22 LCG B 4 -9.22 0.71 1.35
N1 OMU B 5 -8.96 -0.41 -2.34
C2 OMU B 5 -9.46 0.88 -2.17
N3 OMU B 5 -8.67 1.92 -2.61
C4 OMU B 5 -7.45 1.81 -3.23
C5 OMU B 5 -6.99 0.45 -3.37
C6 OMU B 5 -7.73 -0.61 -2.93
O2 OMU B 5 -10.55 1.14 -1.66
O4 OMU B 5 -6.86 2.82 -3.61
C1' OMU B 5 -9.82 -1.56 -1.91
C2' OMU B 5 -10.90 -1.84 -2.98
O2' OMU B 5 -12.15 -2.25 -2.39
CM2 OMU B 5 -12.96 -1.16 -1.90
C3' OMU B 5 -10.25 -2.99 -3.76
C4' OMU B 5 -9.56 -3.76 -2.63
O3' OMU B 5 -11.26 -3.74 -4.43
O4' OMU B 5 -9.08 -2.76 -1.72
C5' OMU B 5 -8.45 -4.69 -3.13
O5' OMU B 5 -7.39 -3.96 -3.75
P OMU B 5 -6.11 -4.72 -4.37
OP1 OMU B 5 -6.59 -5.86 -5.19
OP2 OMU B 5 -5.25 -3.70 -5.00
HN3 OMU B 5 -9.02 2.86 -2.48
H5 OMU B 5 -6.03 0.27 -3.83
H6 OMU B 5 -7.35 -1.62 -3.06
H1' OMU B 5 -10.30 -1.28 -0.97
H2' OMU B 5 -11.04 -0.97 -3.65
HM21 OMU B 5 -13.89 -1.55 -1.52
HM22 OMU B 5 -13.18 -0.46 -2.72
HM23 OMU B 5 -12.45 -0.62 -1.11
H3' OMU B 5 -9.52 -2.61 -4.47
H4' OMU B 5 -10.31 -4.36 -2.12
HO3' OMU B 5 -12.07 -3.58 -3.89
H5' OMU B 5 -8.06 -5.27 -2.29
H5'' OMU B 5 -8.88 -5.38 -3.85
N1 OMU B 1 5.60 6.45 3.27
C2 OMU B 1 4.91 5.75 4.26
N3 OMU B 1 3.53 5.84 4.25
C4 OMU B 1 2.78 6.53 3.34
C5 OMU B 1 3.55 7.21 2.32
C6 OMU B 1 4.91 7.16 2.30
O2 OMU B 1 5.45 5.05 5.11
O4 OMU B 1 1.56 6.54 3.43
C1' OMU B 1 7.09 6.32 3.23
C2' OMU B 1 7.49 5.09 2.37
O2' OMU B 1 8.63 4.43 2.96
CM2 OMU B 1 8.31 3.60 4.09
C3' OMU B 1 7.80 5.78 1.03
C4' OMU B 1 8.49 7.05 1.54
O3' OMU B 1 8.62 5.00 0.17
O4' OMU B 1 7.72 7.47 2.66
C5' OMU B 1 8.61 8.16 0.48
O5' OMU B 1 7.33 8.56 -0.03
HN3 OMU B 1 3.02 5.29 4.92
H5 OMU B 1 3.02 7.75 1.55
H6 OMU B 1 5.47 7.68 1.52
H1' OMU B 1 7.45 6.19 4.26
H2' OMU B 1 6.65 4.40 2.24
HM21 OMU B 1 7.54 2.88 3.83
HM22 OMU B 1 9.20 3.05 4.40
HM23 OMU B 1 7.98 4.20 4.94
H3' OMU B 1 6.87 6.06 0.53
H4' OMU B 1 9.49 6.77 1.88
H5' OMU B 1 9.11 9.02 0.93
H5'' OMU B 1 9.22 7.78 -0.34
HO5' OMU B 1 7.47 9.21 -0.75
O5' LCC B 2 6.96 3.08 -0.20
C5' LCC B 2 7.46 2.01 0.58
C4' LCC B 2 6.32 1.28 1.32
O4' LCC B 2 5.57 2.14 2.19
C1' LCC B 2 4.40 1.42 2.51
N1 LCC B 2 3.15 2.14 2.14
C6 LCC B 2 3.13 3.24 1.33
C5 LCC B 2 1.97 3.91 1.08
C5M LCC B 2 1.98 5.10 0.13
C4 LCC B 2 0.84 3.40 1.75
N4 LCC B 2 -0.31 3.97 1.60
N3 LCC B 2 0.80 2.34 2.51
C2 LCC B 2 1.96 1.70 2.70
O2 LCC B 2 1.91 0.69 3.39
C3' LCC B 2 5.26 0.63 0.43
C2' LCC B 2 4.59 0.12 1.71
O2' LCC B 2 5.58 -0.65 2.38
O3' LCC B 2 5.71 -0.39 -0.45
C6' LCC B 2 6.79 0.07 2.16
P LCC B 2 7.96 4.09 -0.97
O1P LCC B 2 9.03 3.27 -1.59
O2P LCC B 2 7.13 4.96 -1.85
H5'1 LCC B 2 8.17 2.38 1.31
H5'2 LCC B 2 7.98 1.30 -0.06
H1' LCC B 2 4.38 1.17 3.58
H6 LCC B 2 4.05 3.58 0.87
H5M1 LCC B 2 1.38 4.89 -0.76
H5M2 LCC B 2 1.53 5.98 0.61
H5M3 LCC B 2 2.98 5.37 -0.19
H41 LCC B 2 -1.08 3.61 2.13
H42 LCC B 2 -0.34 4.84 1.09
H3' LCC B 2 4.67 1.38 -0.09
H2'1 LCC B 2 3.65 -0.41 1.53
H6'1 LCC B 2 7.24 0.39 3.10
H6'2 LCC B 2 7.51 -0.54 1.60
N1 OMC B 3 -0.09 -1.44 1.06
C2 OMC B 3 -1.45 -1.29 1.36
N3 OMC B 3 -2.13 -0.21 0.93
C4 OMC B 3 -1.52 0.68 0.18
C5 OMC B 3 -0.16 0.57 -0.19
C6 OMC B 3 0.54 -0.50 0.27
O2 OMC B 3 -2.06 -2.12 2.02
N4 OMC B 3 -2.22 1.71 -0.18
C1' OMC B 3 0.66 -2.56 1.72
C2' OMC B 3 0.38 -3.89 1.02
O2' OMC B 3 0.41 -4.96 1.99
CM2 OMC B 3 -0.79 -5.08 2.77
C3' OMC B 3 1.57 -3.94 0.03
C4' OMC B 3 2.68 -3.42 0.92
O4' OMC B 3 2.08 -2.36 1.68
O3' OMC B 3 1.85 -5.24 -0.51
C5' OMC B 3 3.91 -2.93 0.15
O5' OMC B 3 3.61 -1.80 -0.66
P OMC B 3 4.74 -1.05 -1.53
OP1 OMC B 3 5.52 -2.07 -2.27
OP2 OMC B 3 4.09 0.06 -2.27
H5 OMC B 3 0.33 1.31 -0.81
H6 OMC B 3 1.59 -0.60 0.02
HN41 OMC B 3 -3.18 1.78 0.16
HN42 OMC B 3 -1.80 2.43 -0.73
H1' OMC B 3 0.34 -2.62 2.75
H2' OMC B 3 -0.56 -3.88 0.46
HM21 OMC B 3 -0.70 -5.93 3.45
HM22 OMC B 3 -0.95 -4.19 3.39
HM23 OMC B 3 -1.66 -5.22 2.14
H3' OMC B 3 1.39 -3.23 -0.78
H4' OMC B 3 2.98 -4.23 1.60
H5' OMC B 3 4.69 -2.66 0.86
H5'' OMC B 3 4.28 -3.74 -0.48
P LCG B 4 1.18 -5.72 -1.87
OP1 LCG B 4 1.58 -7.14 -2.09
O5' LCG B 4 -0.40 -5.66 -1.61
C5' LCG B 4 -1.07 -6.64 -0.84
C3' LCG B 4 -3.28 -6.15 -2.08
C6' LCG B 4 -3.45 -7.35 -0.04
N9 LCG B 4 -4.14 -3.36 -1.05
C8 LCG B 4 -3.11 -2.69 -1.67
C4 LCG B 4 -5.18 -2.46 -1.02
N7 LCG B 4 -3.39 -1.47 -2.03
C5 LCG B 4 -4.72 -1.30 -1.59
C6 LCG B 4 -5.62 -0.18 -1.62
C2' LCG B 4 -4.57 -5.85 -1.31
O6 LCG B 4 -5.45 0.96 -2.05
C4' LCG B 4 -2.56 -6.29 -0.73
C1' LCG B 4 -4.14 -4.68 -0.40
C2 LCG B 4 -7.20 -1.62 -0.58
N1 LCG B 4 -6.86 -0.45 -1.10
O4' LCG B 4 -2.81 -5.05 -0.06
OP2 LCG B 4 1.51 -4.73 -2.92
N2 LCG B 4 -8.40 -1.70 -0.12
N3 LCG B 4 -6.41 -2.68 -0.50
O2' LCG B 4 -4.77 -6.99 -0.45
O3' LCG B 4 -3.30 -7.35 -2.85
H5' LCG B 4 -0.64 -6.68 0.16
H5'' LCG B 4 -0.96 -7.61 -1.31
H3' LCG B 4 -2.92 -5.29 -2.63
H6'1 LCG B 4 -3.34 -7.31 1.04
H6'2 LCG B 4 -3.20 -8.35 -0.40
H8 LCG B 4 -2.14 -3.15 -1.84
H2' LCG B 4 -5.43 -5.61 -1.94
H1' LCG B 4 -4.78 -4.66 0.49
H1 LCG B 4 -7.52 0.30 -1.09
H21 LCG B 4 -8.69 -2.58 0.28
H22 LCG B 4 -9.04 -0.93 -0.23
N1 OMU B 5 -7.70 -3.61 -3.90
C2 OMU B 5 -8.39 -2.39 -3.90
N3 OMU B 5 -7.69 -1.28 -4.30
C4 OMU B 5 -6.39 -1.25 -4.73
C5 OMU B 5 -5.72 -2.54 -4.70
C6 OMU B 5 -6.38 -3.66 -4.30
O2 OMU B 5 -9.57 -2.27 -3.57
O4 OMU B 5 -5.89 -0.19 -5.10
C1' OMU B 5 -8.46 -4.85 -3.57
C2' OMU B 5 -9.11 -5.45 -4.85
O2' OMU B 5 -10.42 -6.01 -4.59
CM2 OMU B 5 -11.46 -5.00 -4.56
C3' OMU B 5 -8.11 -6.58 -5.18
C4' OMU B 5 -7.67 -7.02 -3.79
O3' OMU B 5 -8.79 -7.58 -5.93
O4' OMU B 5 -7.63 -5.85 -2.99
C5' OMU B 5 -6.31 -7.75 -3.79
O5' OMU B 5 -5.30 -6.90 -4.32
P OMU B 5 -3.76 -7.34 -4.37
OP1 OMU B 5 -3.67 -8.73 -4.88
OP2 OMU B 5 -3.00 -6.28 -5.07
HN3 OMU B 5 -8.18 -0.40 -4.29
H5 OMU B 5 -4.69 -2.58 -5.00
H6 OMU B 5 -5.85 -4.60 -4.29
H1' OMU B 5 -9.25 -4.60 -2.85
H2' OMU B 5 -9.12 -4.72 -5.66
HM21 OMU B 5 -11.50 -4.46 -5.50
HM22 OMU B 5 -11.29 -4.30 -3.75
HM23 OMU B 5 -12.43 -5.49 -4.39
H3' OMU B 5 -7.27 -6.17 -5.74
H4' OMU B 5 -8.43 -7.70 -3.39
HO3' OMU B 5 -9.72 -7.46 -5.66
H5' OMU B 5 -6.06 -8.03 -2.77
H5'' OMU B 5 -6.39 -8.65 -4.40
N1 OMU B 1 7.33 5.62 3.76
C2 OMU B 1 6.56 4.89 4.68
N3 OMU B 1 5.25 5.30 4.85
C4 OMU B 1 4.64 6.35 4.22
C5 OMU B 1 5.48 7.05 3.28
C6 OMU B 1 6.78 6.68 3.08
O2 OMU B 1 6.98 3.92 5.31
O4 OMU B 1 3.46 6.61 4.48
C1' OMU B 1 8.75 5.21 3.58
C2' OMU B 1 8.88 4.03 2.57
O2' OMU B 1 9.93 3.14 2.98
CM2 OMU B 1 9.57 2.23 4.04
C3' OMU B 1 9.21 4.81 1.28
C4' OMU B 1 10.14 5.88 1.85
O3' OMU B 1 9.83 4.01 0.27
O4' OMU B 1 9.58 6.27 3.09
C5' OMU B 1 10.36 7.08 0.91
O5' OMU B 1 9.14 7.76 0.61
HN3 OMU B 1 4.68 4.74 5.47
H5 OMU B 1 5.07 7.90 2.75
H6 OMU B 1 7.40 7.25 2.38
H1' OMU B 1 9.14 4.88 4.55
H2' OMU B 1 7.92 3.51 2.45
HM21 OMU B 1 8.70 1.63 3.75
HM22 OMU B 1 10.40 1.55 4.24
HM23 OMU B 1 9.33 2.76 4.97
H3' OMU B 1 8.30 5.30 0.90
H4' OMU B 1 11.11 5.40 2.03
H5' OMU B 1 11.05 7.77 1.40
H5'' OMU B 1 10.82 6.73 -0.01
HO5' OMU B 1 9.31 8.44 -0.06
O5' LCC B 2 7.87 2.41 -0.08
C5' LCC B 2 8.25 1.18 0.52
C4' LCC B 2 7.09 0.52 1.27
O4' LCC B 2 6.59 1.32 2.36
C1' LCC B 2 5.35 0.73 2.73
N1 LCC B 2 4.20 1.66 2.65
C6 LCC B 2 4.27 2.88 2.04
C5 LCC B 2 3.21 3.71 2.01
C5M LCC B 2 3.30 5.05 1.29
C4 LCC B 2 2.05 3.24 2.68
N4 LCC B 2 0.97 3.96 2.68
N3 LCC B 2 1.95 2.09 3.29
C2 LCC B 2 3.02 1.30 3.29
O2 LCC B 2 2.92 0.22 3.87
C3' LCC B 2 5.84 0.23 0.44
C2' LCC B 2 5.23 -0.41 1.69
O2' LCC B 2 6.15 -1.43 2.09
O3' LCC B 2 6.02 -0.66 -0.66
C6' LCC B 2 7.43 -0.87 1.82
P LCC B 2 8.95 3.30 -0.87
O1P LCC B 2 9.85 2.40 -1.63
O2P LCC B 2 8.20 4.35 -1.59
H5'1 LCC B 2 9.07 1.34 1.21
H5'2 LCC B 2 8.59 0.50 -0.26
H1' LCC B 2 5.41 0.29 3.73
H6 LCC B 2 5.20 3.17 1.56
H5M1 LCC B 2 3.00 5.87 1.95
H5M2 LCC B 2 4.32 5.24 0.94
H5M3 LCC B 2 2.62 5.04 0.44
H41 LCC B 2 0.18 3.61 3.20
H42 LCC B 2 0.99 4.84 2.21
H3' LCC B 2 5.34 1.15 0.14
H2'1 LCC B 2 4.21 -0.77 1.56
H6'1 LCC B 2 8.03 -0.79 2.73
H6'2 LCC B 2 7.95 -1.45 1.08
N1 OMC B 3 0.38 -1.14 1.55
C2 OMC B 3 -0.88 -0.89 2.09
N3 OMC B 3 -1.48 0.30 1.89
C4 OMC B 3 -0.86 1.23 1.20
C5 OMC B 3 0.41 1.03 0.59
C6 OMC B 3 1.02 -0.17 0.79
O2 OMC B 3 -1.49 -1.73 2.74
N4 OMC B 3 -1.49 2.37 1.06
C1' OMC B 3 1.01 -2.48 1.80
C2' OMC B 3 0.37 -3.55 0.88
O2' OMC B 3 0.32 -4.82 1.56
CM2 OMC B 3 -0.75 -4.94 2.52
C3' OMC B 3 1.36 -3.51 -0.30
C4' OMC B 3 2.67 -3.41 0.48
O4' OMC B 3 2.41 -2.50 1.54
O3' OMC B 3 1.28 -4.64 -1.15
C5' OMC B 3 3.86 -2.97 -0.37
O5' OMC B 3 3.69 -1.65 -0.87
P OMC B 3 4.85 -0.91 -1.71
OP1 OMC B 3 5.36 -1.85 -2.74
OP2 OMC B 3 4.33 0.40 -2.15
H5 OMC B 3 0.89 1.80 0.00
H6 OMC B 3 1.99 -0.37 0.37
HN41 OMC B 3 -2.38 2.46 1.52
HN42 OMC B 3 -1.06 3.11 0.55
H1' OMC B 3 0.83 -2.74 2.85
H2' OMC B 3 -0.61 -3.23 0.53
HM21 OMC B 3 -0.76 -5.95 2.92
HM22 OMC B 3 -0.62 -4.25 3.35
HM23 OMC B 3 -1.71 -4.74 2.04
H3' OMC B 3 1.22 -2.59 -0.86
H4' OMC B 3 2.87 -4.40 0.91
H5' OMC B 3 4.77 -3.01 0.24
H5'' OMC B 3 3.98 -3.67 -1.20
P LCG B 4 0.33 -4.61 -2.44
OP1 LCG B 4 0.34 -5.97 -3.04
O5' LCG B 4 -1.15 -4.30 -1.90
C5' LCG B 4 -1.92 -5.31 -1.25
C3' LCG B 4 -4.19 -4.17 -1.79
C6' LCG B 4 -4.17 -5.78 -0.04
N9 LCG B 4 -4.30 -1.62 -0.12
C8 LCG B 4 -3.29 -0.93 -0.74
C4 LCG B 4 -5.30 -0.69 0.08
N7 LCG B 4 -3.57 0.34 -0.95
C5 LCG B 4 -4.85 0.50 -0.41
C6 LCG B 4 -5.72 1.63 -0.28
C2' LCG B 4 -5.20 -3.88 -0.68
O6 LCG B 4 -5.57 2.80 -0.61
C4' LCG B 4 -3.25 -4.75 -0.73
C1' LCG B 4 -4.36 -3.03 0.29
C2 LCG B 4 -7.26 0.13 0.74
N1 LCG B 4 -6.92 1.35 0.31
O4' LCG B 4 -3.08 -3.66 0.19
OP2 LCG B 4 0.75 -3.47 -3.29
N2 LCG B 4 -8.43 0.02 1.26
N3 LCG B 4 -6.50 -0.95 0.66
O2' LCG B 4 -5.44 -5.15 -0.06
O3' LCG B 4 -4.63 -5.08 -2.79
H5' LCG B 4 -1.36 -5.71 -0.42
H5'' LCG B 4 -2.12 -6.12 -1.95
H3' LCG B 4 -3.76 -3.27 -2.23
H6'1 LCG B 4 -3.83 -5.98 0.97
H6'2 LCG B 4 -4.19 -6.71 -0.62
H8 LCG B 4 -2.35 -1.39 -1.04
H2' LCG B 4 -6.11 -3.37 -1.01
H1' LCG B 4 -4.76 -3.12 1.30
H1 LCG B 4 -7.54 2.13 0.49
H21 LCG B 4 -8.70 -0.88 1.60
H22 LCG B 4 -9.04 0.84 1.31
N1 OMU B 5 -8.92 -0.59 -2.24
C2 OMU B 5 -9.59 0.64 -2.06
N3 OMU B 5 -8.96 1.77 -2.51
C4 OMU B 5 -7.74 1.82 -3.13
C5 OMU B 5 -7.08 0.53 -3.25
C6 OMU B 5 -7.67 -0.61 -2.81
O2 OMU B 5 -10.71 0.73 -1.55
O4 OMU B 5 -7.28 2.88 -3.54
C1' OMU B 5 -9.65 -1.84 -1.87
C2' OMU B 5 -10.56 -2.28 -3.02
O2' OMU B 5 -11.78 -2.83 -2.49
CM2 OMU B 5 -12.97 -2.26 -3.08
C3' OMU B 5 -9.72 -3.36 -3.71
C4' OMU B 5 -9.04 -4.00 -2.50
O3' OMU B 5 -10.55 -4.26 -4.44
O4' OMU B 5 -8.75 -2.93 -1.60
C5' OMU B 5 -7.78 -4.79 -2.90
O5' OMU B 5 -6.79 -3.96 -3.49
P OMU B 5 -5.43 -4.57 -4.07
OP1 OMU B 5 -5.75 -5.74 -4.92
OP2 OMU B 5 -4.67 -3.45 -4.67
HN3 OMU B 5 -9.43 2.65 -2.39
H5 OMU B 5 -6.11 0.50 -3.72
H6 OMU B 5 -7.15 -1.56 -2.94
H1' OMU B 5 -10.25 -1.66 -0.98
H2' OMU B 5 -10.74 -1.45 -3.71
HM21 OMU B 5 -13.86 -2.72 -2.67
HM22 OMU B 5 -12.98 -2.41 -4.16
HM23 OMU B 5 -13.02 -1.19 -2.88
H3' OMU B 5 -8.98 -2.89 -4.37
H4' OMU B 5 -9.76 -4.67 -2.03
HO3' OMU B 5 -11.38 -4.31 -3.92
H5' OMU B 5 -7.38 -5.27 -2.00
H5'' OMU B 5 -8.08 -5.58 -3.60
N1 OMU B 1 6.60 5.66 4.63
C2 OMU B 1 5.71 4.78 5.27
N3 OMU B 1 4.37 5.12 5.25
C4 OMU B 1 3.83 6.24 4.70
C5 OMU B 1 4.79 7.10 4.04
C6 OMU B 1 6.12 6.79 4.02
O2 OMU B 1 6.05 3.74 5.83
O4 OMU B 1 2.62 6.45 4.79
C1' OMU B 1 8.05 5.32 4.68
C2' OMU B 1 8.42 4.28 3.60
O2' OMU B 1 9.42 3.35 4.08
CM2 OMU B 1 8.90 2.32 4.95
C3' OMU B 1 8.93 5.19 2.48
C4' OMU B 1 9.70 6.22 3.31
O3' OMU B 1 9.73 4.54 1.50
O4' OMU B 1 8.89 6.46 4.47
C5' OMU B 1 10.02 7.52 2.54
O5' OMU B 1 8.84 8.15 2.04
HN3 OMU B 1 3.74 4.48 5.69
H5 OMU B 1 4.45 8.00 3.56
H6 OMU B 1 6.82 7.46 3.52
H1' OMU B 1 8.28 4.90 5.66
H2' OMU B 1 7.53 3.75 3.25
HM21 OMU B 1 9.70 1.63 5.21
HM22 OMU B 1 8.53 2.75 5.88
HM23 OMU B 1 8.10 1.78 4.45
H3' OMU B 1 8.08 5.70 2.02
H4' OMU B 1 10.64 5.76 3.63
H5' OMU B 1 10.56 8.20 3.22
H5'' OMU B 1 10.68 7.27 1.72
HO5' OMU B 1 9.10 9.01 1.63
O5' LCC B 2 7.93 3.05 0.53
C5' LCC B 2 8.24 1.75 1.04
C4' LCC B 2 7.00 0.99 1.56
O4' LCC B 2 6.31 1.70 2.60
C1' LCC B 2 5.08 1.01 2.77
N1 LCC B 2 3.89 1.90 2.62
C6 LCC B 2 3.97 3.15 2.10
C5 LCC B 2 2.86 3.93 2.02
C5M LCC B 2 2.97 5.33 1.42
C4 LCC B 2 1.67 3.37 2.55
N4 LCC B 2 0.58 4.06 2.55
N3 LCC B 2 1.57 2.19 3.08
C2 LCC B 2 2.68 1.44 3.11
O2 LCC B 2 2.57 0.32 3.62
C3' LCC B 2 5.90 0.70 0.54
C2' LCC B 2 5.16 -0.04 1.66
O2' LCC B 2 6.07 -1.06 2.11
O3' LCC B 2 6.27 -0.12 -0.58
C6' LCC B 2 7.35 -0.42 2.06
P LCC B 2 9.09 4.06 0.12
O1P LCC B 2 10.13 3.31 -0.63
O2P LCC B 2 8.46 5.23 -0.53
H5'1 LCC B 2 8.96 1.84 1.86
H5'2 LCC B 2 8.71 1.17 0.24
H1' LCC B 2 5.06 0.51 3.75
H6 LCC B 2 4.91 3.51 1.71
H5M1 LCC B 2 4.01 5.59 1.21
H5M2 LCC B 2 2.38 5.38 0.50
H5M3 LCC B 2 2.56 6.07 2.10
H41 LCC B 2 -0.23 3.64 2.99
H42 LCC B 2 0.62 4.99 2.20
H3' LCC B 2 5.40 1.61 0.22
H2'1 LCC B 2 4.19 -0.43 1.36
H6'1 LCC B 2 7.81 -0.37 3.05
H6'2 LCC B 2 8.00 -0.94 1.35
N1 OMC B 3 0.56 -1.13 1.07
C2 OMC B 3 -0.73 -0.97 1.57
N3 OMC B 3 -1.42 0.19 1.39
C4 OMC B 3 -0.83 1.16 0.73
C5 OMC B 3 0.47 1.05 0.16
C6 OMC B 3 1.14 -0.10 0.36
O2 OMC B 3 -1.31 -1.86 2.19
N4 OMC B 3 -1.54 2.25 0.58
C1' OMC B 3 1.28 -2.40 1.40
C2' OMC B 3 0.82 -3.54 0.46
O2' OMC B 3 0.89 -4.81 1.15
CM2 OMC B 3 -0.19 -5.02 2.10
C3' OMC B 3 1.87 -3.42 -0.67
C4' OMC B 3 3.12 -3.19 0.19
O4' OMC B 3 2.70 -2.29 1.22
O3' OMC B 3 1.95 -4.56 -1.50
C5' OMC B 3 4.32 -2.63 -0.59
O5' OMC B 3 4.07 -1.31 -1.06
P OMC B 3 5.22 -0.42 -1.75
OP1 OMC B 3 5.90 -1.25 -2.77
OP2 OMC B 3 4.61 0.87 -2.15
H5 OMC B 3 0.93 1.86 -0.39
H6 OMC B 3 2.14 -0.22 -0.03
HN41 OMC B 3 -2.46 2.29 1.02
HN42 OMC B 3 -1.17 3.03 0.08
H1' OMC B 3 1.08 -2.67 2.43
H2' OMC B 3 -0.18 -3.35 0.06
HM21 OMC B 3 -0.17 -4.30 2.90
HM22 OMC B 3 -1.16 -4.97 1.59
HM23 OMC B 3 -0.08 -6.02 2.54
H3' OMC B 3 1.67 -2.52 -1.25
H4' OMC B 3 3.38 -4.15 0.64
H5' OMC B 3 5.17 -2.62 0.07
H5'' OMC B 3 4.53 -3.29 -1.42
P LCG B 4 1.05 -4.68 -2.83
OP1 LCG B 4 1.27 -6.02 -3.43
O5' LCG B 4 -0.46 -4.57 -2.35
C5' LCG B 4 -1.12 -5.65 -1.70
C3' LCG B 4 -3.50 -4.83 -2.33
C6' LCG B 4 -3.33 -6.34 -0.51
N9 LCG B 4 -3.84 -2.21 -0.82
C8 LCG B 4 -2.82 -1.46 -1.35
C4 LCG B 4 -4.89 -1.36 -0.69
N7 LCG B 4 -3.14 -0.21 -1.59
C5 LCG B 4 -4.48 -0.13 -1.16
C6 LCG B 4 -5.43 0.96 -1.09
C2' LCG B 4 -4.55 -4.59 -1.24
O6 LCG B 4 -5.31 2.13 -1.43
C4' LCG B 4 -2.53 -5.24 -1.23
C1' LCG B 4 -3.81 -3.60 -0.31
C2 LCG B 4 -6.93 -0.63 -0.16
N1 LCG B 4 -6.65 0.59 -0.58
O4' LCG B 4 -2.48 -4.11 -0.36
OP2 LCG B 4 1.34 -3.48 -3.67
N2 LCG B 4 -8.13 -0.81 0.29
N3 LCG B 4 -6.11 -1.66 -0.18
O2' LCG B 4 -4.67 -5.83 -0.54
O3' LCG B 4 -3.83 -5.86 -3.26
H5' LCG B 4 -0.54 -5.96 -0.84
H5'' LCG B 4 -1.20 -6.50 -2.39
H3' LCG B 4 -3.17 -3.91 -2.82
H6'1 LCG B 4 -2.98 -6.48 0.51
H6'2 LCG B 4 -3.28 -7.27 -1.06
H8 LCG B 4 -1.83 -1.86 -1.55
H2' LCG B 4 -5.50 -4.19 -1.61
H1' LCG B 4 -4.23 -3.64 0.69
H1 LCG B 4 -7.34 1.32 -0.49
H21 LCG B 4 -8.38 -1.72 0.61
H22 LCG B 4 -8.81 -0.04 0.25
N1 OMU B 5 -8.36 -1.82 -3.04
C2 OMU B 5 -9.10 -0.63 -3.07
N3 OMU B 5 -8.46 0.50 -3.54
C4 OMU B 5 -7.18 0.56 -4.02
C5 OMU B 5 -6.47 -0.70 -3.98
C6 OMU B 5 -7.06 -1.84 -3.50
O2 OMU B 5 -10.28 -0.56 -2.69
O4 OMU B 5 -6.72 1.62 -4.42
C1' OMU B 5 -9.05 -3.06 -2.55
C2' OMU B 5 -9.97 -3.64 -3.65
O2' OMU B 5 -11.17 -4.24 -3.09
CM2 OMU B 5 -12.19 -3.27 -2.74
C3' OMU B 5 -9.07 -4.72 -4.26
C4' OMU B 5 -8.32 -5.23 -3.03
O3' OMU B 5 -9.88 -5.71 -4.90
O4' OMU B 5 -8.12 -4.09 -2.19
C5' OMU B 5 -7.01 -5.95 -3.37
O5' OMU B 5 -6.11 -5.07 -4.04
P OMU B 5 -4.68 -5.54 -4.57
OP1 OMU B 5 -4.85 -6.81 -5.32
OP2 OMU B 5 -4.05 -4.39 -5.25
HN3 OMU B 5 -8.99 1.36 -3.54
H5 OMU B 5 -5.45 -0.73 -4.34
H6 OMU B 5 -6.49 -2.75 -3.47
H1' OMU B 5 -9.65 -2.79 -1.68
H2' OMU B 5 -10.21 -2.89 -4.41
HM21 OMU B 5 -11.86 -2.62 -1.93
HM22 OMU B 5 -13.08 -3.79 -2.40
HM23 OMU B 5 -12.45 -2.66 -3.61
H3' OMU B 5 -8.37 -4.26 -4.97
H4' OMU B 5 -8.98 -5.92 -2.51
HO3' OMU B 5 -10.72 -5.67 -4.40
H5' OMU B 5 -6.56 -6.31 -2.45
H5'' OMU B 5 -7.24 -6.80 -4.01
N1 OMU B 1 6.11 6.61 4.38
C2 OMU B 1 5.41 5.57 5.02
N3 OMU B 1 4.05 5.72 5.16
C4 OMU B 1 3.31 6.81 4.78
C5 OMU B 1 4.08 7.82 4.09
C6 OMU B 1 5.42 7.72 3.91
O2 OMU B 1 5.95 4.54 5.45
O4 OMU B 1 2.11 6.85 5.05
C1' OMU B 1 7.59 6.53 4.38
C2' OMU B 1 8.15 5.48 3.40
O2' OMU B 1 9.09 4.69 4.16
CM2 OMU B 1 8.89 3.28 4.00
C3' OMU B 1 8.81 6.35 2.31
C4' OMU B 1 9.29 7.52 3.17
O3' OMU B 1 9.87 5.72 1.61
O4' OMU B 1 8.21 7.78 4.05
C5' OMU B 1 9.70 8.77 2.38
O5' OMU B 1 8.67 9.26 1.52
HN3 OMU B 1 3.54 4.95 5.58
H5 OMU B 1 3.55 8.70 3.74
H6 OMU B 1 5.97 8.50 3.40
H1' OMU B 1 7.92 6.23 5.38
H2' OMU B 1 7.32 4.90 2.97
HM21 OMU B 1 7.87 3.00 4.26
HM22 OMU B 1 9.10 2.98 2.97
HM23 OMU B 1 9.57 2.73 4.65
H3' OMU B 1 8.05 6.70 1.62
H4' OMU B 1 10.15 7.18 3.75
H5' OMU B 1 9.97 9.55 3.10
H5'' OMU B 1 10.58 8.55 1.79
HO5' OMU B 1 8.61 8.69 0.73
O5' LCC B 2 8.55 3.78 0.70
C5' LCC B 2 7.37 3.52 -0.06
C4' LCC B 2 6.51 2.47 0.65
O4' LCC B 2 5.95 2.96 1.87
C1' LCC B 2 4.91 2.05 2.22
N1 LCC B 2 3.59 2.72 2.33
C6 LCC B 2 3.39 4.03 2.03
C5 LCC B 2 2.17 4.59 2.13
C5M LCC B 2 1.96 6.05 1.74
C4 LCC B 2 1.14 3.75 2.63
N4 LCC B 2 -0.05 4.21 2.76
N3 LCC B 2 1.30 2.52 2.99
C2 LCC B 2 2.52 1.99 2.86
O2 LCC B 2 2.66 0.82 3.22
C3' LCC B 2 5.28 2.02 -0.14
C2' LCC B 2 4.96 1.07 1.02
O2' LCC B 2 6.12 0.25 1.18
O3' LCC B 2 5.58 1.39 -1.39
C6' LCC B 2 7.21 1.14 0.94
P LCC B 2 9.60 4.90 0.27
O1P LCC B 2 10.86 4.21 -0.12
O2P LCC B 2 8.98 5.84 -0.71
H5'1 LCC B 2 7.65 3.15 -1.06
H5'2 LCC B 2 6.80 4.43 -0.18
H1' LCC B 2 5.13 1.51 3.15
H6 LCC B 2 4.23 4.63 1.68
H5M1 LCC B 2 1.23 6.11 0.93
H5M2 LCC B 2 1.53 6.61 2.58
H5M3 LCC B 2 2.89 6.54 1.43
H41 LCC B 2 -0.75 3.60 3.17
H42 LCC B 2 -0.23 5.17 2.56
H3' LCC B 2 4.56 2.82 -0.26
H2'1 LCC B 2 4.04 0.51 0.89
H6'1 LCC B 2 7.86 1.23 1.81
H6'2 LCC B 2 7.77 0.81 0.06
N1 OMC B 3 0.36 -0.80 0.69
C2 OMC B 3 -0.92 -0.91 1.23
N3 OMC B 3 -1.77 0.16 1.27
C4 OMC B 3 -1.34 1.31 0.78
C5 OMC B 3 -0.06 1.49 0.21
C6 OMC B 3 0.77 0.41 0.18
O2 OMC B 3 -1.35 -1.96 1.70
N4 OMC B 3 -2.17 2.31 0.86
C1' OMC B 3 1.28 -1.97 0.80
C2' OMC B 3 0.96 -3.04 -0.25
O2' OMC B 3 1.17 -4.36 0.31
CM2 OMC B 3 0.05 -4.84 1.08
C3' OMC B 3 1.97 -2.71 -1.36
C4' OMC B 3 3.18 -2.31 -0.52
O4' OMC B 3 2.65 -1.61 0.62
O3' OMC B 3 2.26 -3.78 -2.26
C5' OMC B 3 4.19 -1.43 -1.29
O5' OMC B 3 3.60 -0.19 -1.64
P OMC B 3 4.42 0.95 -2.41
OP1 OMC B 3 5.06 0.36 -3.60
OP2 OMC B 3 3.52 2.11 -2.57
H5 OMC B 3 0.27 2.43 -0.20
H6 OMC B 3 1.77 0.51 -0.23
HN41 OMC B 3 -3.06 2.16 1.30
HN42 OMC B 3 -1.90 3.22 0.52
H1' OMC B 3 1.16 -2.40 1.80
H2' OMC B 3 -0.05 -2.92 -0.65
HM21 OMC B 3 -0.07 -4.25 1.99
HM22 OMC B 3 -0.87 -4.80 0.49
HM23 OMC B 3 0.22 -5.88 1.37
H3' OMC B 3 1.62 -1.83 -1.90
H4' OMC B 3 3.68 -3.20 -0.18
H5' OMC B 3 5.06 -1.28 -0.67
H5'' OMC B 3 4.48 -1.96 -2.20
P LCG B 4 1.30 -4.11 -3.49
OP1 LCG B 4 1.79 -5.34 -4.14
O5' LCG B 4 -0.12 -4.44 -2.82
C5' LCG B 4 -1.34 -4.25 -3.52
C3' LCG B 4 -3.86 -3.89 -3.22
C6' LCG B 4 -2.88 -5.59 -1.89
N9 LCG B 4 -4.09 -1.68 -1.16
C8 LCG B 4 -3.33 -0.62 -1.63
C4 LCG B 4 -5.27 -1.10 -0.76
N7 LCG B 4 -3.92 0.54 -1.60
C5 LCG B 4 -5.17 0.25 -1.04
C6 LCG B 4 -6.31 1.05 -0.70
C2' LCG B 4 -4.54 -4.05 -1.86
O6 LCG B 4 -6.47 2.26 -0.84
C4' LCG B 4 -2.53 -4.25 -2.56
C1' LCG B 4 -3.70 -3.08 -0.99
C2 LCG B 4 -7.34 -0.94 0.09
N1 LCG B 4 -7.35 0.37 -0.15
O4' LCG B 4 -2.40 -3.28 -1.52
OP2 LCG B 4 1.17 -2.88 -4.30
N2 LCG B 4 -8.40 -1.44 0.62
N3 LCG B 4 -6.33 -1.74 -0.18
O2' LCG B 4 -4.22 -5.39 -1.44
O3' LCG B 4 -4.28 -4.81 -4.22
H5' LCG B 4 -1.47 -5.03 -4.27
H5'' LCG B 4 -1.32 -3.27 -4.02
H3' LCG B 4 -3.86 -2.86 -3.58
H6'1 LCG B 4 -2.20 -5.80 -1.06
H6'2 LCG B 4 -2.84 -6.41 -2.62
H8 LCG B 4 -2.31 -0.76 -2.00
H2' LCG B 4 -5.60 -3.82 -1.86
H1' LCG B 4 -3.76 -3.37 0.06
H1 LCG B 4 -8.15 0.91 0.14
H21 LCG B 4 -8.40 -2.43 0.80
H22 LCG B 4 -9.22 -0.86 0.77
N1 OMU B 5 -8.94 -1.09 -2.90
C2 OMU B 5 -9.76 0.04 -2.71
N3 OMU B 5 -9.24 1.26 -3.09
C4 OMU B 5 -8.02 1.47 -3.67
C5 OMU B 5 -7.22 0.28 -3.84
C6 OMU B 5 -7.69 -0.94 -3.47
O2 OMU B 5 -10.90 -0.02 -2.24
O4 OMU B 5 -7.68 2.61 -3.99
C1' OMU B 5 -9.48 -2.41 -2.47
C2' OMU B 5 -10.51 -2.93 -3.51
O2' OMU B 5 -11.59 -3.67 -2.89
CM2 OMU B 5 -12.59 -2.82 -2.30
C3' OMU B 5 -9.64 -3.86 -4.36
C4' OMU B 5 -8.71 -4.46 -3.28
O3' OMU B 5 -10.46 -4.82 -5.01
O4' OMU B 5 -8.45 -3.40 -2.36
C5' OMU B 5 -7.42 -5.03 -3.87
O5' OMU B 5 -6.67 -4.03 -4.53
P OMU B 5 -5.32 -4.38 -5.35
OP1 OMU B 5 -5.59 -5.55 -6.21
OP2 OMU B 5 -4.84 -3.13 -5.97
HN3 OMU B 5 -9.83 2.07 -2.94
H5 OMU B 5 -6.24 0.37 -4.29
H6 OMU B 5 -7.06 -1.82 -3.62
H1' OMU B 5 -9.99 -2.29 -1.52
H2' OMU B 5 -10.89 -2.12 -4.15
HM21 OMU B 5 -13.00 -2.13 -3.04
HM22 OMU B 5 -12.18 -2.24 -1.48
HM23 OMU B 5 -13.40 -3.43 -1.90
H3' OMU B 5 -9.06 -3.29 -5.08
H4' OMU B 5 -9.26 -5.24 -2.76
HO3' OMU B 5 -11.24 -4.88 -4.42
H5' OMU B 5 -6.84 -5.48 -3.06
H5'' OMU B 5 -7.68 -5.83 -4.57
N1 OMU B 1 7.60 5.02 2.83
C2 OMU B 1 6.85 4.21 3.69
N3 OMU B 1 5.56 4.61 3.98
C4 OMU B 1 4.96 5.75 3.51
C5 OMU B 1 5.78 6.53 2.61
C6 OMU B 1 7.05 6.16 2.29
O2 OMU B 1 7.27 3.16 4.18
O4 OMU B 1 3.81 6.02 3.88
C1' OMU B 1 9.00 4.57 2.51
C2' OMU B 1 8.99 3.51 1.39
O2' OMU B 1 10.00 2.51 1.63
CM2 OMU B 1 9.69 1.56 2.68
C3' OMU B 1 9.31 4.40 0.18
C4' OMU B 1 10.40 5.28 0.82
O3' OMU B 1 9.73 3.69 -0.97
O4' OMU B 1 9.83 5.65 2.07
C5' OMU B 1 10.85 6.47 -0.04
O5' OMU B 1 9.78 7.34 -0.38
HN3 OMU B 1 5.02 4.03 4.58
H5 OMU B 1 5.36 7.43 2.19
H6 OMU B 1 7.65 6.76 1.62
H1' OMU B 1 9.44 4.14 3.42
H2' OMU B 1 8.00 3.08 1.27
HM21 OMU B 1 8.72 1.09 2.49
HM22 OMU B 1 10.45 0.79 2.72
HM23 OMU B 1 9.66 2.04 3.66
H3' OMU B 1 8.46 5.03 -0.06
H4' OMU B 1 11.28 4.64 1.00
H5' OMU B 1 11.60 7.03 0.51
H5'' OMU B 1 11.29 6.09 -0.96
HO5' OMU B 1 10.11 8.07 -0.93
O5' LCC B 2 7.66 2.24 -1.33
C5' LCC B 2 8.08 0.94 -0.93
C4' LCC B 2 7.00 0.22 -0.10
O4' LCC B 2 6.64 0.95 1.07
C1' LCC B 2 5.43 0.34 1.54
N1 LCC B 2 4.31 1.32 1.68
C6 LCC B 2 4.34 2.55 1.09
C5 LCC B 2 3.29 3.40 1.26
C5M LCC B 2 3.32 4.76 0.55
C4 LCC B 2 2.25 2.96 2.11
N4 LCC B 2 1.23 3.72 2.32
N3 LCC B 2 2.22 1.80 2.69
C2 LCC B 2 3.24 0.96 2.48
O2 LCC B 2 3.19 -0.13 3.03
C3' LCC B 2 5.68 -0.02 -0.81
C2' LCC B 2 5.19 -0.72 0.46
O2' LCC B 2 6.12 -1.78 0.69
O3' LCC B 2 5.74 -0.85 -1.98
C6' LCC B 2 7.38 -1.20 0.33
P LCC B 2 8.67 3.23 -2.08
O1P LCC B 2 9.40 2.46 -3.13
O2P LCC B 2 7.90 4.43 -2.49
H5'1 LCC B 2 8.99 1.02 -0.34
H5'2 LCC B 2 8.31 0.35 -1.81
H1' LCC B 2 5.61 -0.16 2.50
H6 LCC B 2 5.16 2.83 0.46
H5M1 LCC B 2 2.51 4.81 -0.18
H5M2 LCC B 2 3.14 5.58 1.27
H5M3 LCC B 2 4.27 4.93 0.06
H41 LCC B 2 0.50 3.35 2.91
H42 LCC B 2 1.18 4.59 1.83
H3' LCC B 2 5.15 0.92 -1.00
H2'1 LCC B 2 4.15 -1.04 0.42
H6'1 LCC B 2 8.08 -1.19 1.18
H6'2 LCC B 2 7.82 -1.75 -0.50
N1 OMC B 3 0.40 -1.18 0.77
C2 OMC B 3 -0.77 -0.87 1.47
N3 OMC B 3 -1.32 0.37 1.40
C4 OMC B 3 -0.72 1.28 0.66
C5 OMC B 3 0.47 1.03 -0.08
C6 OMC B 3 1.00 -0.21 0.00
O2 OMC B 3 -1.35 -1.70 2.17
N4 OMC B 3 -1.29 2.46 0.65
C1' OMC B 3 0.96 -2.55 0.90
C2' OMC B 3 0.17 -3.54 0.02
O2' OMC B 3 0.14 -4.84 0.64
CM2 OMC B 3 -0.81 -4.97 1.71
C3' OMC B 3 1.02 -3.51 -1.26
C4' OMC B 3 2.41 -3.51 -0.63
O4' OMC B 3 2.33 -2.64 0.50
O3' OMC B 3 0.79 -4.59 -2.16
C5' OMC B 3 3.53 -3.08 -1.60
O5' OMC B 3 3.37 -1.74 -2.04
P OMC B 3 4.47 -1.01 -2.94
OP1 OMC B 3 4.86 -1.92 -4.05
OP2 OMC B 3 3.97 0.34 -3.28
H5 OMC B 3 0.94 1.79 -0.68
H6 OMC B 3 1.91 -0.43 -0.55
HN41 OMC B 3 -2.10 2.61 1.24
HN42 OMC B 3 -0.87 3.21 0.14
H1' OMC B 3 0.88 -2.86 1.95
H2' OMC B 3 -0.83 -3.17 -0.20
HM21 OMC B 3 -0.81 -6.00 2.08
HM22 OMC B 3 -0.57 -4.31 2.55
HM23 OMC B 3 -1.82 -4.73 1.36
H3' OMC B 3 0.88 -2.54 -1.78
H4' OMC B 3 2.62 -4.52 -0.28
H5' OMC B 3 4.49 -3.19 -1.09
H5'' OMC B 3 3.54 -3.75 -2.45
P LCG B 4 -0.29 -4.47 -3.33
OP1 LCG B 4 -0.39 -5.79 -4.01
O5' LCG B 4 -1.68 -4.17 -2.61
C5' LCG B 4 -2.38 -5.17 -1.89
C3' LCG B 4 -4.67 -3.97 -2.13
C6' LCG B 4 -4.48 -5.61 -0.42
N9 LCG B 4 -4.39 -1.43 -0.46
C8 LCG B 4 -3.38 -0.82 -1.17
C4 LCG B 4 -5.25 -0.43 -0.10
N7 LCG B 4 -3.54 0.47 -1.31
C5 LCG B 4 -4.73 0.74 -0.61
C6 LCG B 4 -5.46 1.95 -0.35
C2' LCG B 4 -5.50 -3.66 -0.89
O6 LCG B 4 -5.21 3.11 -0.66
C4' LCG B 4 -3.62 -4.60 -1.20
C1' LCG B 4 -4.50 -2.85 -0.04
C2 LCG B 4 -7.02 0.59 0.82
N1 LCG B 4 -6.61 1.77 0.38
O4' LCG B 4 -3.28 -3.54 -0.29
OP2 LCG B 4 0.05 -3.29 -4.15
N2 LCG B 4 -8.13 0.59 1.47
N3 LCG B 4 -6.39 -0.56 0.63
O2' LCG B 4 -5.71 -4.91 -0.24
O3' LCG B 4 -5.27 -4.87 -3.04
H5' LCG B 4 -1.72 -5.63 -1.15
H5'' LCG B 4 -2.69 -5.96 -2.59
H3' LCG B 4 -4.28 -3.07 -2.62
H6'1 LCG B 4 -4.01 -5.88 0.52
H6'2 LCG B 4 -4.64 -6.51 -1.02
H8 LCG B 4 -2.54 -1.37 -1.57
H2' LCG B 4 -6.42 -3.11 -1.11
H1' LCG B 4 -4.78 -2.90 1.02
H1 LCG B 4 -7.14 2.59 0.61
H21 LCG B 4 -8.45 -0.29 1.81
H22 LCG B 4 -8.67 1.44 1.53
N1 OMU B 5 -9.08 -0.38 -1.83
C2 OMU B 5 -9.63 0.91 -1.65
N3 OMU B 5 -8.94 1.98 -2.17
C4 OMU B 5 -7.79 1.91 -2.90
C5 OMU B 5 -7.25 0.57 -3.05
C6 OMU B 5 -7.89 -0.51 -2.52
O2 OMU B 5 -10.70 1.10 -1.06
O4 OMU B 5 -7.28 2.93 -3.36
C1' OMU B 5 -9.83 -1.55 -1.31
C2' OMU B 5 -11.01 -1.91 -2.23
O2' OMU B 5 -12.16 -2.41 -1.50
CM2 OMU B 5 -12.95 -1.36 -0.91
C3' OMU B 5 -10.39 -3.02 -3.09
C4' OMU B 5 -9.51 -3.73 -2.06
O3' OMU B 5 -11.44 -3.84 -3.62
O4' OMU B 5 -9.00 -2.71 -1.21
C5' OMU B 5 -8.40 -4.57 -2.68
O5' OMU B 5 -7.51 -3.76 -3.44
P OMU B 5 -6.23 -4.35 -4.21
OP1 OMU B 5 -6.67 -5.52 -5.00
OP2 OMU B 5 -5.57 -3.23 -4.91
HN3 OMU B 5 -9.32 2.90 -2.01
H5 OMU B 5 -6.33 0.45 -3.59
H6 OMU B 5 -7.46 -1.49 -2.65
H1' OMU B 5 -10.22 -1.30 -0.32
H2' OMU B 5 -11.29 -1.06 -2.88
HM21 OMU B 5 -13.29 -0.65 -1.67
HM22 OMU B 5 -12.38 -0.81 -0.16
HM23 OMU B 5 -13.82 -1.79 -0.42
H3' OMU B 5 -9.79 -2.59 -3.89
H4' OMU B 5 -10.15 -4.39 -1.46
HO3' OMU B 5 -12.17 -3.72 -2.97
H5' OMU B 5 -7.85 -5.08 -1.89
H5'' OMU B 5 -8.84 -5.33 -3.34
N1 OMU B 1 4.74 6.91 4.56
C2 OMU B 1 3.93 5.87 5.05
N3 OMU B 1 2.57 6.01 4.89
C4 OMU B 1 1.92 7.10 4.37
C5 OMU B 1 2.80 8.14 3.89
C6 OMU B 1 4.15 8.04 3.99
O2 OMU B 1 4.36 4.86 5.62
O4 OMU B 1 0.70 7.11 4.33
C1' OMU B 1 6.21 6.82 4.82
C2' OMU B 1 6.86 5.64 4.03
O2' OMU B 1 7.93 5.05 4.81
CM2 OMU B 1 7.47 4.18 5.87
C3' OMU B 1 7.37 6.41 2.79
C4' OMU B 1 7.91 7.66 3.48
O3' OMU B 1 8.35 5.72 2.03
O4' OMU B 1 6.92 8.00 4.44
C5' OMU B 1 8.23 8.82 2.53
O5' OMU B 1 7.09 9.29 1.83
HN3 OMU B 1 1.99 5.27 5.23
H5 OMU B 1 2.36 9.03 3.45
H6 OMU B 1 4.79 8.84 3.64
H1' OMU B 1 6.35 6.66 5.89
H2' OMU B 1 6.13 4.90 3.72
HM21 OMU B 1 6.91 4.72 6.62
HM22 OMU B 1 6.83 3.38 5.46
HM23 OMU B 1 8.33 3.72 6.36
H3' OMU B 1 6.53 6.69 2.16
H4' OMU B 1 8.83 7.39 4.02
H5' OMU B 1 8.68 9.63 3.10
H5'' OMU B 1 8.98 8.48 1.80
HO5' OMU B 1 6.55 9.85 2.44
O5' LCC B 2 7.04 3.61 1.38
C5' LCC B 2 7.65 2.57 2.14
C4' LCC B 2 6.58 1.62 2.69
O4' LCC B 2 5.66 2.31 3.54
C1' LCC B 2 4.52 1.46 3.66
N1 LCC B 2 3.28 2.12 3.15
C6 LCC B 2 3.30 3.29 2.44
C5 LCC B 2 2.15 3.91 2.11
C5M LCC B 2 2.20 5.21 1.29
C4 LCC B 2 0.96 3.30 2.56
N4 LCC B 2 -0.18 3.86 2.34
N3 LCC B 2 0.90 2.18 3.22
C2 LCC B 2 2.06 1.57 3.50
O2 LCC B 2 1.99 0.50 4.12
C3' LCC B 2 5.68 0.93 1.65
C2' LCC B 2 4.95 0.26 2.80
O2' LCC B 2 5.96 -0.45 3.53
O3' LCC B 2 6.34 0.03 0.77
C6' LCC B 2 7.10 0.42 3.48
P LCC B 2 7.93 4.81 0.78
O1P LCC B 2 9.18 4.22 0.21
O2P LCC B 2 7.06 5.62 -0.10
H5'1 LCC B 2 8.21 2.99 2.96
H5'2 LCC B 2 8.33 2.00 1.49
H1' LCC B 2 4.38 1.14 4.70
H6 LCC B 2 4.25 3.72 2.14
H5M1 LCC B 2 1.67 6.01 1.82
H5M2 LCC B 2 3.22 5.54 1.12
H5M3 LCC B 2 1.71 5.07 0.33
H41 LCC B 2 -1.00 3.40 2.72
H42 LCC B 2 -0.21 4.75 1.89
H3' LCC B 2 5.07 1.66 1.11
H2'1 LCC B 2 4.11 -0.35 2.50
H6'1 LCC B 2 7.42 0.71 4.48
H6'2 LCC B 2 7.92 -0.07 2.94
N1 OMC B 3 0.53 -1.41 1.66
C2 OMC B 3 -0.85 -1.31 1.95
N3 OMC B 3 -1.57 -0.26 1.51
C4 OMC B 3 -0.97 0.64 0.75
C5 OMC B 3 0.40 0.57 0.39
C6 OMC B 3 1.13 -0.46 0.87
O2 OMC B 3 -1.44 -2.17 2.59
N4 OMC B 3 -1.70 1.64 0.35
C1' OMC B 3 1.29 -2.55 2.27
C2' OMC B 3 1.10 -3.83 1.41
O2' OMC B 3 1.12 -5.00 2.27
CM2 OMC B 3 -0.12 -5.24 2.96
C3' OMC B 3 2.33 -3.72 0.49
C4' OMC B 3 3.36 -3.27 1.52
O4' OMC B 3 2.69 -2.30 2.32
O3' OMC B 3 2.66 -4.94 -0.18
C5' OMC B 3 4.65 -2.69 0.91
O5' OMC B 3 4.40 -1.50 0.17
P OMC B 3 5.57 -0.62 -0.48
OP1 OMC B 3 6.52 -1.55 -1.15
OP2 OMC B 3 4.95 0.47 -1.26
H5 OMC B 3 0.88 1.32 -0.24
H6 OMC B 3 2.18 -0.55 0.62
HN41 OMC B 3 -2.66 1.68 0.65
HN42 OMC B 3 -1.28 2.35 -0.22
H1' OMC B 3 0.91 -2.72 3.27
H2' OMC B 3 0.18 -3.78 0.82
HM21 OMC B 3 -0.94 -5.33 2.27
HM22 OMC B 3 -0.04 -6.17 3.54
HM23 OMC B 3 -0.35 -4.43 3.66
H3' OMC B 3 2.18 -2.92 -0.23
H4' OMC B 3 3.62 -4.13 2.15
H5' OMC B 3 5.36 -2.47 1.70
H5'' OMC B 3 5.09 -3.44 0.25
P LCG B 4 2.05 -5.26 -1.63
OP1 LCG B 4 2.44 -6.64 -1.98
O5' LCG B 4 0.46 -5.19 -1.46
C5' LCG B 4 -0.26 -6.25 -0.84
C3' LCG B 4 -2.47 -5.60 -2.03
C6' LCG B 4 -2.64 -7.03 -0.15
N9 LCG B 4 -3.41 -2.97 -0.76
C8 LCG B 4 -2.40 -2.16 -1.21
C4 LCG B 4 -4.55 -2.21 -0.83
N7 LCG B 4 -2.78 -0.96 -1.56
C5 LCG B 4 -4.17 -0.97 -1.29
C6 LCG B 4 -5.20 0.03 -1.42
C2' LCG B 4 -3.77 -5.41 -1.23
O6 LCG B 4 -5.12 1.20 -1.77
C4' LCG B 4 -1.76 -5.90 -0.72
C1' LCG B 4 -3.35 -4.34 -0.22
C2 LCG B 4 -6.70 -1.65 -0.66
N1 LCG B 4 -6.45 -0.41 -1.09
O4' LCG B 4 -2.00 -4.72 0.06
OP2 LCG B 4 2.45 -4.15 -2.54
N2 LCG B 4 -7.95 -1.92 -0.42
N3 LCG B 4 -5.80 -2.60 -0.49
O2' LCG B 4 -3.96 -6.64 -0.53
O3' LCG B 4 -2.50 -6.67 -2.97
H5' LCG B 4 0.14 -6.44 0.15
H5'' LCG B 4 -0.17 -7.15 -1.45
H3' LCG B 4 -2.11 -4.67 -2.48
H6'1 LCG B 4 -2.53 -7.09 0.94
H6'2 LCG B 4 -2.38 -7.98 -0.62
H8 LCG B 4 -1.37 -2.48 -1.27
H2' LCG B 4 -4.62 -5.10 -1.84
H1' LCG B 4 -3.98 -4.40 0.67
H1 LCG B 4 -7.21 0.24 -1.16
H21 LCG B 4 -8.16 -2.85 -0.12
H22 LCG B 4 -8.66 -1.23 -0.63
N1 OMU B 5 -7.26 -2.99 -3.89
C2 OMU B 5 -8.07 -1.87 -4.07
N3 OMU B 5 -7.46 -0.69 -4.42
C4 OMU B 5 -6.11 -0.52 -4.64
C5 OMU B 5 -5.31 -1.72 -4.42
C6 OMU B 5 -5.89 -2.89 -4.06
O2 OMU B 5 -9.30 -1.89 -3.94
O4 OMU B 5 -5.68 0.56 -4.99
C1' OMU B 5 -7.93 -4.29 -3.56
C2' OMU B 5 -8.53 -4.93 -4.82
O2' OMU B 5 -9.74 -5.59 -4.40
CM2 OMU B 5 -10.67 -5.82 -5.49
C3' OMU B 5 -7.37 -5.84 -5.25
C4' OMU B 5 -6.93 -6.37 -3.88
O3' OMU B 5 -7.75 -6.86 -6.18
O4' OMU B 5 -7.03 -5.25 -2.99
C5' OMU B 5 -5.52 -6.98 -3.87
O5' OMU B 5 -4.55 -6.04 -4.32
P OMU B 5 -3.00 -6.44 -4.47
OP1 OMU B 5 -2.92 -7.73 -5.20
OP2 OMU B 5 -2.28 -5.25 -5.02
HN3 OMU B 5 -8.04 0.12 -4.56
H5 OMU B 5 -4.25 -1.64 -4.55
H6 OMU B 5 -5.27 -3.76 -3.90
H1' OMU B 5 -8.75 -4.10 -2.87
H2' OMU B 5 -8.71 -4.18 -5.58
HM21 OMU B 5 -10.24 -6.47 -6.24
HM22 OMU B 5 -10.96 -4.89 -5.95
HM23 OMU B 5 -11.56 -6.31 -5.08
H3' OMU B 5 -6.57 -5.24 -5.67
H4' OMU B 5 -7.64 -7.14 -3.56
HO3' OMU B 5 -6.94 -7.32 -6.48
H5' OMU B 5 -5.28 -7.32 -2.86
H5'' OMU B 5 -5.53 -7.85 -4.53
N1 OMU B 1 4.08 7.17 4.46
C2 OMU B 1 3.59 5.98 5.00
N3 OMU B 1 2.22 5.87 5.13
C4 OMU B 1 1.30 6.83 4.80
C5 OMU B 1 1.86 8.04 4.26
C6 OMU B 1 3.20 8.18 4.10
O2 OMU B 1 4.30 5.05 5.37
O4 OMU B 1 0.10 6.61 5.01
C1' OMU B 1 5.56 7.33 4.38
C2' OMU B 1 6.15 6.45 3.25
O2' OMU B 1 7.47 5.99 3.61
CM2 OMU B 1 7.46 4.88 4.52
C3' OMU B 1 6.15 7.46 2.08
C4' OMU B 1 6.62 8.71 2.82
O3' OMU B 1 7.01 7.10 1.01
O4' OMU B 1 5.96 8.67 4.09
C5' OMU B 1 6.36 10.03 2.09
O5' OMU B 1 4.98 10.22 1.76
HN3 OMU B 1 1.86 5.01 5.50
H5 OMU B 1 1.20 8.85 3.97
H6 OMU B 1 3.61 9.10 3.68
H1' OMU B 1 5.98 7.02 5.33
H2' OMU B 1 5.48 5.62 3.00
HM21 OMU B 1 7.05 5.17 5.49
HM22 OMU B 1 6.87 4.05 4.14
HM23 OMU B 1 8.49 4.54 4.69
H3' OMU B 1 5.13 7.61 1.73
H4' OMU B 1 7.69 8.61 2.98
H5' OMU B 1 6.68 10.85 2.72
H5'' OMU B 1 6.94 10.04 1.17
HO5' OMU B 1 4.85 11.15 1.49
O5' LCC B 2 5.83 4.92 0.35
C5' LCC B 2 6.67 3.86 0.79
C4' LCC B 2 5.85 2.72 1.40
O4' LCC B 2 5.05 3.14 2.51
C1' LCC B 2 4.10 2.12 2.73
N1 LCC B 2 2.70 2.62 2.62
C6 LCC B 2 2.40 3.86 2.12
C5 LCC B 2 1.13 4.32 2.12
C5M LCC B 2 0.83 5.69 1.52
C4 LCC B 2 0.17 3.45 2.69
N4 LCC B 2 -1.07 3.81 2.76
N3 LCC B 2 0.41 2.27 3.17
C2 LCC B 2 1.69 1.85 3.14
O2 LCC B 2 1.92 0.72 3.60
C3' LCC B 2 4.85 2.04 0.47
C2' LCC B 2 4.47 1.12 1.62
O2' LCC B 2 5.69 0.48 2.02
O3' LCC B 2 5.42 1.38 -0.66
C6' LCC B 2 6.68 1.51 1.87
P LCC B 2 6.44 6.28 -0.25
O1P LCC B 2 7.58 5.94 -1.13
O2P LCC B 2 5.31 7.06 -0.82
H5'1 LCC B 2 7.37 4.23 1.54
H5'2 LCC B 2 7.24 3.46 -0.05
H1' LCC B 2 4.25 1.66 3.72
H6 LCC B 2 3.19 4.47 1.70
H5M1 LCC B 2 0.30 6.33 2.24
H5M2 LCC B 2 1.73 6.21 1.21
H5M3 LCC B 2 0.17 5.57 0.66
H41 LCC B 2 -1.74 3.18 3.17
H42 LCC B 2 -1.31 4.72 2.41
H3' LCC B 2 4.04 2.72 0.19
H2'1 LCC B 2 3.67 0.43 1.38
H6'1 LCC B 2 7.18 1.72 2.82
H6'2 LCC B 2 7.41 1.23 1.12
N1 OMC B 3 0.29 -1.12 0.97
C2 OMC B 3 -1.03 -1.31 1.41
N3 OMC B 3 -1.96 -0.33 1.26
C4 OMC B 3 -1.59 0.79 0.67
C5 OMC B 3 -0.28 1.04 0.18
C6 OMC B 3 0.63 0.06 0.35
O2 OMC B 3 -1.41 -2.36 1.92
N4 OMC B 3 -2.53 1.69 0.56
C1' OMC B 3 1.27 -2.21 1.24
C2' OMC B 3 1.09 -3.37 0.24
O2' OMC B 3 1.42 -4.63 0.85
CM2 OMC B 3 0.36 -5.17 1.69
C3' OMC B 3 2.08 -2.96 -0.86
C4' OMC B 3 3.24 -2.48 0.02
O4' OMC B 3 2.63 -1.79 1.10
O3' OMC B 3 2.43 -4.02 -1.75
C5' OMC B 3 4.25 -1.58 -0.70
O5' OMC B 3 3.65 -0.38 -1.15
P OMC B 3 4.51 0.80 -1.84
OP1 OMC B 3 5.40 0.20 -2.85
OP2 OMC B 3 3.56 1.86 -2.25
H5 OMC B 3 0.01 1.96 -0.29
H6 OMC B 3 1.64 0.21 0.00
HN41 OMC B 3 -3.44 1.47 0.96
HN42 OMC B 3 -2.32 2.58 0.14
H1' OMC B 3 1.11 -2.58 2.25
H2' OMC B 3 0.08 -3.39 -0.17
HM21 OMC B 3 0.66 -6.14 2.07
HM22 OMC B 3 0.17 -4.50 2.54
HM23 OMC B 3 -0.56 -5.29 1.13
H3' OMC B 3 1.69 -2.10 -1.41
H4' OMC B 3 3.75 -3.37 0.39
H5' OMC B 3 5.07 -1.35 -0.02
H5'' OMC B 3 4.66 -2.13 -1.56
P LCG B 4 1.60 -4.24 -3.11
OP1 LCG B 4 2.09 -5.51 -3.71
O5' LCG B 4 0.06 -4.43 -2.68
C5' LCG B 4 -0.42 -5.64 -2.13
C3' LCG B 4 -2.86 -5.15 -2.83
C6' LCG B 4 -2.57 -6.75 -1.10
N9 LCG B 4 -3.59 -2.72 -1.21
C8 LCG B 4 -2.65 -1.85 -1.73
C4 LCG B 4 -4.77 -2.01 -1.17
N7 LCG B 4 -3.13 -0.66 -2.03
C5 LCG B 4 -4.49 -0.75 -1.66
C6 LCG B 4 -5.56 0.19 -1.69
C2' LCG B 4 -3.99 -5.12 -1.79
O6 LCG B 4 -5.58 1.36 -2.08
C4' LCG B 4 -1.89 -5.50 -1.70
C1' LCG B 4 -3.43 -4.12 -0.77
C2 LCG B 4 -6.90 -1.54 -0.78
N1 LCG B 4 -6.76 -0.31 -1.24
O4' LCG B 4 -2.05 -4.45 -0.75
OP2 LCG B 4 1.70 -3.00 -3.91
N2 LCG B 4 -8.09 -1.86 -0.38
N3 LCG B 4 -5.96 -2.46 -0.71
O2' LCG B 4 -3.95 -6.41 -1.17
O3' LCG B 4 -3.03 -6.14 -3.84
H5' LCG B 4 0.17 -5.92 -1.26
H5'' LCG B 4 -0.35 -6.45 -2.86
H3' LCG B 4 -2.65 -4.17 -3.25
H6'1 LCG B 4 -2.24 -6.92 -0.08
H6'2 LCG B 4 -2.35 -7.62 -1.72
H8 LCG B 4 -1.62 -2.13 -1.88
H2' LCG B 4 -4.97 -4.84 -2.17
H1' LCG B 4 -3.90 -4.25 0.21
H1 LCG B 4 -7.53 0.34 -1.19
H21 LCG B 4 -8.24 -2.78 -0.02
H22 LCG B 4 -8.84 -1.17 -0.45
N1 OMU B 5 -8.05 -2.51 -3.84
C2 OMU B 5 -8.94 -1.43 -3.87
N3 OMU B 5 -8.44 -0.22 -4.32
C4 OMU B 5 -7.17 0.00 -4.81
C5 OMU B 5 -6.29 -1.15 -4.73
C6 OMU B 5 -6.73 -2.34 -4.25
O2 OMU B 5 -10.12 -1.51 -3.54
O4 OMU B 5 -6.86 1.09 -5.27
C1' OMU B 5 -8.57 -3.84 -3.41
C2' OMU B 5 -9.37 -4.49 -4.58
O2' OMU B 5 -10.51 -5.24 -4.10
CM2 OMU B 5 -11.65 -4.41 -3.82
C3' OMU B 5 -8.30 -5.42 -5.15
C4' OMU B 5 -7.58 -5.89 -3.88
O3' OMU B 5 -8.94 -6.48 -5.86
O4' OMU B 5 -7.55 -4.75 -3.03
C5' OMU B 5 -6.19 -6.47 -4.15
O5' OMU B 5 -5.33 -5.47 -4.71
P OMU B 5 -3.84 -5.82 -5.18
OP1 OMU B 5 -3.86 -7.05 -6.01
OP2 OMU B 5 -3.26 -4.59 -5.78
HN3 OMU B 5 -9.07 0.57 -4.32
H5 OMU B 5 -5.28 -1.04 -5.06
H6 OMU B 5 -6.06 -3.18 -4.22
H1' OMU B 5 -9.25 -3.67 -2.57
H2' OMU B 5 -9.64 -3.76 -5.33
HM21 OMU B 5 -12.51 -5.04 -3.56
HM22 OMU B 5 -11.92 -3.82 -4.71
HM23 OMU B 5 -11.46 -3.73 -2.99
H3' OMU B 5 -7.61 -4.87 -5.80
H4' OMU B 5 -8.20 -6.66 -3.41
HO3' OMU B 5 -9.82 -6.54 -5.42
H5' OMU B 5 -5.77 -6.85 -3.23
H5'' OMU B 5 -6.28 -7.31 -4.85
N1 OMU B 1 4.83 6.78 3.28
C2 OMU B 1 4.14 5.73 3.92
N3 OMU B 1 2.78 5.89 4.07
C4 OMU B 1 2.05 6.99 3.76
C5 OMU B 1 2.81 8.06 3.14
C6 OMU B 1 4.15 7.93 2.91
O2 OMU B 1 4.69 4.72 4.35
O4 OMU B 1 0.84 7.02 4.00
C1' OMU B 1 6.32 6.68 3.19
C2' OMU B 1 6.78 5.56 2.23
O2' OMU B 1 8.05 5.01 2.67
CM2 OMU B 1 7.93 4.08 3.76
C3' OMU B 1 6.90 6.35 0.92
C4' OMU B 1 7.52 7.65 1.45
O3' OMU B 1 7.71 5.73 -0.08
O4' OMU B 1 6.91 7.89 2.71
C5' OMU B 1 7.37 8.84 0.50
O5' OMU B 1 6.01 9.14 0.21
HN3 OMU B 1 2.29 5.14 4.52
H5 OMU B 1 2.30 8.96 2.86
H6 OMU B 1 4.68 8.74 2.45
H1' OMU B 1 6.69 6.48 4.20
H2' OMU B 1 6.02 4.79 2.11
HM21 OMU B 1 7.53 4.56 4.65
HM22 OMU B 1 7.27 3.26 3.50
HM23 OMU B 1 8.91 3.67 4.00
H3' OMU B 1 5.90 6.56 0.53
H4' OMU B 1 8.58 7.47 1.61
H5' OMU B 1 7.86 9.71 0.96
H5'' OMU B 1 7.90 8.62 -0.43
HO5' OMU B 1 5.98 9.90 -0.42
O5' LCC B 2 6.44 3.52 -0.42
C5' LCC B 2 7.26 2.51 0.12
C4' LCC B 2 6.41 1.51 0.91
O4' LCC B 2 5.69 2.15 1.96
C1' LCC B 2 4.63 1.29 2.32
N1 LCC B 2 3.30 1.94 2.09
C6 LCC B 2 3.18 3.12 1.41
C5 LCC B 2 2.00 3.76 1.35
C5M LCC B 2 1.87 5.06 0.55
C4 LCC B 2 0.93 3.15 2.06
N4 LCC B 2 -0.22 3.73 2.10
N3 LCC B 2 1.01 2.02 2.70
C2 LCC B 2 2.20 1.40 2.71
O2 LCC B 2 2.27 0.33 3.31
C3' LCC B 2 5.34 0.76 0.10
C2' LCC B 2 4.91 0.08 1.40
O2' LCC B 2 6.08 -0.57 1.89
O3' LCC B 2 5.82 -0.14 -0.89
C6' LCC B 2 7.15 0.32 1.56
P LCC B 2 7.08 4.78 -1.20
O1P LCC B 2 8.19 4.30 -2.05
O2P LCC B 2 5.96 5.52 -1.84
H5'1 LCC B 2 8.00 2.94 0.80
H5'2 LCC B 2 7.79 1.98 -0.67
H1' LCC B 2 4.72 0.98 3.37
H6 LCC B 2 4.04 3.54 0.90
H5M1 LCC B 2 1.55 5.88 1.20
H5M2 LCC B 2 2.81 5.35 0.09
H5M3 LCC B 2 1.11 4.94 -0.22
H41 LCC B 2 -0.94 3.28 2.65
H42 LCC B 2 -0.34 4.62 1.66
H3' LCC B 2 4.58 1.44 -0.30
H2'1 LCC B 2 4.04 -0.58 1.29
H6'1 LCC B 2 7.69 0.65 2.45
H6'2 LCC B 2 7.83 -0.14 0.83
N1 OMC B 3 0.43 -1.57 1.08
C2 OMC B 3 -0.90 -1.42 1.52
N3 OMC B 3 -1.64 -0.34 1.16
C4 OMC B 3 -1.12 0.53 0.32
C5 OMC B 3 0.20 0.42 -0.19
C6 OMC B 3 0.95 -0.62 0.21
O2 OMC B 3 -1.43 -2.24 2.27
N4 OMC B 3 -1.88 1.52 -0.03
C1' OMC B 3 1.23 -2.72 1.58
C2' OMC B 3 0.84 -4.02 0.83
O2' OMC B 3 1.02 -5.17 1.69
CM2 OMC B 3 -0.04 -5.34 2.66
C3' OMC B 3 1.87 -3.97 -0.34
C4' OMC B 3 3.12 -3.51 0.43
O4' OMC B 3 2.64 -2.55 1.38
O3' OMC B 3 2.03 -5.21 -0.99
C5' OMC B 3 4.24 -2.93 -0.44
O5' OMC B 3 3.83 -1.74 -1.10
P OMC B 3 4.84 -0.83 -1.96
OP1 OMC B 3 5.67 -1.73 -2.81
OP2 OMC B 3 4.05 0.23 -2.61
H5 OMC B 3 0.63 1.16 -0.87
H6 OMC B 3 1.96 -0.72 -0.14
HN41 OMC B 3 -2.80 1.59 0.37
HN42 OMC B 3 -1.53 2.18 -0.70
H1' OMC B 3 1.04 -2.85 2.64
H2' OMC B 3 -0.16 -3.96 0.42
HM21 OMC B 3 -0.11 -4.50 3.33
HM22 OMC B 3 -0.99 -5.47 2.16
HM23 OMC B 3 0.15 -6.23 3.24
H3' OMC B 3 1.58 -3.19 -1.04
H4' OMC B 3 3.50 -4.38 0.98
H5' OMC B 3 5.10 -2.72 0.20
H5'' OMC B 3 4.54 -3.67 -1.18
P LCG B 4 1.15 -5.59 -2.27
OP1 LCG B 4 1.50 -6.98 -2.67
O5' LCG B 4 -0.38 -5.56 -1.79
C5' LCG B 4 -0.94 -6.61 -1.01
C3' LCG B 4 -3.36 -6.02 -1.74
C6' LCG B 4 -3.12 -7.30 0.25
N9 LCG B 4 -3.82 -3.27 -0.56
C8 LCG B 4 -2.83 -2.60 -1.24
C4 LCG B 4 -4.89 -2.42 -0.51
N7 LCG B 4 -3.18 -1.40 -1.62
C5 LCG B 4 -4.49 -1.26 -1.14
C6 LCG B 4 -5.42 -0.18 -1.18
C2' LCG B 4 -4.42 -5.71 -0.68
O6 LCG B 4 -5.31 0.95 -1.65
C4' LCG B 4 -2.37 -6.25 -0.59
C1' LCG B 4 -3.75 -4.58 0.12
C2 LCG B 4 -6.91 -1.63 -0.01
N1 LCG B 4 -6.63 -0.47 -0.60
O4' LCG B 4 -2.40 -5.04 0.16
OP2 LCG B 4 1.32 -4.51 -3.28
N2 LCG B 4 -8.10 -1.75 0.46
N3 LCG B 4 -6.09 -2.65 0.09
O2' LCG B 4 -4.49 -6.87 0.16
O3' LCG B 4 -3.65 -7.17 -2.53
H5' LCG B 4 -0.33 -6.76 -0.12
H5'' LCG B 4 -0.95 -7.53 -1.59
H3' LCG B 4 -3.08 -5.15 -2.32
H6'1 LCG B 4 -2.76 -7.29 1.28
H6'2 LCG B 4 -3.01 -8.29 -0.19
H8 LCG B 4 -1.86 -3.04 -1.44
H2' LCG B 4 -5.39 -5.40 -1.10
H1' LCG B 4 -4.19 -4.52 1.12
H1 LCG B 4 -7.32 0.27 -0.58
H21 LCG B 4 -8.34 -2.62 0.90
H22 LCG B 4 -8.77 -1.00 0.35
N1 OMU B 5 -8.08 -3.09 -2.90
C2 OMU B 5 -8.77 -1.89 -3.08
N3 OMU B 5 -8.10 -0.86 -3.72
C4 OMU B 5 -6.81 -0.92 -4.19
C5 OMU B 5 -6.14 -2.18 -3.96
C6 OMU B 5 -6.77 -3.21 -3.34
O2 OMU B 5 -9.94 -1.71 -2.72
O4 OMU B 5 -6.31 0.05 -4.76
C1' OMU B 5 -8.81 -4.24 -2.28
C2' OMU B 5 -9.73 -4.92 -3.30
O2' OMU B 5 -10.95 -5.41 -2.71
CM2 OMU B 5 -11.95 -4.38 -2.49
C3' OMU B 5 -8.86 -6.09 -3.77
C4' OMU B 5 -8.14 -6.46 -2.47
O3' OMU B 5 -9.69 -7.11 -4.30
O4' OMU B 5 -7.92 -5.24 -1.78
C5' OMU B 5 -6.84 -7.25 -2.72
O5' OMU B 5 -5.90 -6.48 -3.45
P OMU B 5 -4.47 -7.05 -3.89
OP1 OMU B 5 -4.65 -8.41 -4.44
OP2 OMU B 5 -3.82 -6.02 -4.73
HN3 OMU B 5 -8.59 0.02 -3.82
H5 OMU B 5 -5.13 -2.29 -4.29
H6 OMU B 5 -6.23 -4.13 -3.18
H1' OMU B 5 -9.40 -3.85 -1.45
H2' OMU B 5 -9.94 -4.26 -4.16
HM21 OMU B 5 -11.58 -3.63 -1.80
HM22 OMU B 5 -12.84 -4.83 -2.07
HM23 OMU B 5 -12.21 -3.90 -3.44
H3' OMU B 5 -8.14 -5.74 -4.53
H4' OMU B 5 -8.81 -7.08 -1.88
HO3' OMU B 5 -10.55 -6.97 -3.85
H5' OMU B 5 -6.42 -7.54 -1.76
H5'' OMU B 5 -7.07 -8.16 -3.27
N1 OMU B 1 6.00 6.23 2.70
C2 OMU B 1 5.35 5.64 3.79
N3 OMU B 1 3.98 5.75 3.83
C4 OMU B 1 3.18 6.33 2.88
C5 OMU B 1 3.91 6.86 1.76
C6 OMU B 1 5.27 6.81 1.69
O2 OMU B 1 5.93 5.03 4.70
O4 OMU B 1 1.96 6.36 3.03
C1' OMU B 1 7.49 6.10 2.62
C2' OMU B 1 7.89 4.83 1.85
O2' OMU B 1 9.05 4.23 2.44
CM2 OMU B 1 8.78 3.45 3.62
C3' OMU B 1 8.15 5.42 0.46
C4' OMU B 1 8.83 6.73 0.85
O3' OMU B 1 8.94 4.59 -0.38
O4' OMU B 1 8.08 7.22 1.96
C5' OMU B 1 8.93 7.76 -0.30
O5' OMU B 1 7.65 8.14 -0.80
HN3 OMU B 1 3.50 5.28 4.59
H5 OMU B 1 3.36 7.31 0.94
H6 OMU B 1 5.78 7.23 0.83
H1' OMU B 1 7.89 6.04 3.64
H2' OMU B 1 7.04 4.12 1.78
HM21 OMU B 1 9.69 2.98 3.97
HM22 OMU B 1 8.39 4.07 4.43
HM23 OMU B 1 8.05 2.66 3.42
H3' OMU B 1 7.20 5.65 -0.03
H4' OMU B 1 9.85 6.49 1.18
H5' OMU B 1 9.46 8.62 0.08
H5'' OMU B 1 9.52 7.32 -1.10
HO5' OMU B 1 7.78 8.68 -1.62
O5' LCC B 2 7.32 2.65 -0.57
C5' LCC B 2 7.87 1.61 0.22
C4' LCC B 2 6.78 0.89 1.04
O4' LCC B 2 6.07 1.78 1.92
C1' LCC B 2 4.91 1.07 2.33
N1 LCC B 2 3.66 1.79 1.99
C6 LCC B 2 3.60 2.82 1.09
C5 LCC B 2 2.44 3.48 0.86
C5M LCC B 2 2.39 4.58 -0.19
C4 LCC B 2 1.34 3.09 1.66
N4 LCC B 2 0.20 3.68 1.53
N3 LCC B 2 1.36 2.10 2.52
C2 LCC B 2 2.50 1.44 2.67
O2 LCC B 2 2.48 0.47 3.42
C3' LCC B 2 5.67 0.24 0.22
C2' LCC B 2 5.06 -0.25 1.53
O2' LCC B 2 6.07 -1.00 2.18
O3' LCC B 2 6.08 -0.80 -0.66
C6' LCC B 2 7.28 -0.31 1.88
P LCC B 2 8.26 3.61 -1.44
O1P LCC B 2 9.33 2.79 -2.05
O2P LCC B 2 7.39 4.40 -2.34
H5'1 LCC B 2 8.61 2.01 0.92
H5'2 LCC B 2 8.36 0.87 -0.42
H1' LCC B 2 4.95 0.85 3.40
H6 LCC B 2 4.49 3.09 0.54
H5M1 LCC B 2 1.98 5.49 0.23
H5M2 LCC B 2 3.39 4.80 -0.59
H5M3 LCC B 2 1.75 4.27 -1.02
H41 LCC B 2 -0.55 3.37 2.14
H42 LCC B 2 0.14 4.48 0.94
H3' LCC B 2 5.06 0.98 -0.29
H2'1 LCC B 2 4.11 -0.78 1.41
H6'1 LCC B 2 7.78 0.03 2.78
H6'2 LCC B 2 7.95 -0.93 1.28
N1 OMC B 3 0.41 -1.69 1.16
C2 OMC B 3 -0.94 -1.52 1.54
N3 OMC B 3 -1.65 -0.46 1.10
C4 OMC B 3 -1.06 0.41 0.32
C5 OMC B 3 0.29 0.31 -0.11
C6 OMC B 3 1.00 -0.76 0.34
O2 OMC B 3 -1.52 -2.33 2.27
N4 OMC B 3 -1.78 1.43 -0.05
C1' OMC B 3 1.15 -2.87 1.72
C2' OMC B 3 0.74 -4.14 0.97
O2' OMC B 3 0.79 -5.29 1.84
CM2 OMC B 3 -0.34 -5.40 2.73
C3' OMC B 3 1.80 -4.17 -0.14
C4' OMC B 3 3.02 -3.78 0.70
O4' OMC B 3 2.55 -2.75 1.58
O3' OMC B 3 1.91 -5.41 -0.81
C5' OMC B 3 4.24 -3.32 -0.11
O5' OMC B 3 3.95 -2.15 -0.87
P OMC B 3 5.08 -1.41 -1.74
OP1 OMC B 3 5.82 -2.43 -2.52
OP2 OMC B 3 4.43 -0.29 -2.46
H5 OMC B 3 0.77 1.04 -0.74
H6 OMC B 3 2.04 -0.87 0.06
HN41 OMC B 3 -2.74 1.48 0.29
HN42 OMC B 3 -1.39 2.14 -0.63
H1' OMC B 3 0.89 -2.97 2.77
H2' OMC B 3 -0.25 -4.04 0.50
HM21 OMC B 3 -0.37 -4.55 3.42
HM22 OMC B 3 -1.28 -5.42 2.17
HM23 OMC B 3 -0.27 -6.31 3.31
H3' OMC B 3 1.60 -3.37 -0.86
H4' OMC B 3 3.30 -4.64 1.29
H5' OMC B 3 5.06 -3.12 0.57
H5'' OMC B 3 4.54 -4.12 -0.79
P LCG B 4 1.09 -5.70 -2.15
OP1 LCG B 4 1.31 -7.12 -2.54
O5' LCG B 4 -0.47 -5.53 -1.78
C5' LCG B 4 -1.13 -6.49 -0.98
C3' LCG B 4 -3.52 -5.82 -1.77
C6' LCG B 4 -3.34 -7.05 0.26
N9 LCG B 4 -4.03 -3.03 -0.67
C8 LCG B 4 -3.10 -2.31 -1.36
C4 LCG B 4 -5.17 -2.26 -0.69
N7 LCG B 4 -3.55 -1.18 -1.85
C5 LCG B 4 -4.88 -1.14 -1.41
C6 LCG B 4 -5.93 -0.16 -1.55
C2' LCG B 4 -4.59 -5.46 -0.74
O6 LCG B 4 -5.93 0.92 -2.12
C4' LCG B 4 -2.56 -6.04 -0.61
C1' LCG B 4 -3.91 -4.33 0.04
C2 LCG B 4 -7.27 -1.66 -0.26
N1 LCG B 4 -7.11 -0.52 -0.94
O4' LCG B 4 -2.56 -4.77 0.07
OP2 LCG B 4 1.43 -4.64 -3.13
N2 LCG B 4 -8.43 -1.85 0.26
N3 LCG B 4 -6.35 -2.58 -0.08
O2' LCG B 4 -4.68 -6.58 0.15
O3' LCG B 4 -3.83 -6.97 -2.55
H5' LCG B 4 -0.57 -6.66 -0.08
H5'' LCG B 4 -1.20 -7.43 -1.54
H3' LCG B 4 -3.22 -4.98 -2.38
H6'1 LCG B 4 -3.00 -7.00 1.30
H6'2 LCG B 4 -3.24 -8.05 -0.15
H8 LCG B 4 -2.08 -2.66 -1.51
H2' LCG B 4 -5.55 -5.15 -1.16
H1' LCG B 4 -4.33 -4.24 1.04
H1 LCG B 4 -7.88 0.13 -0.98
H21 LCG B 4 -8.56 -2.69 0.80
H22 LCG B 4 -9.16 -1.17 0.15
N1 OMU B 5 -8.64 -3.02 -3.07
C2 OMU B 5 -9.47 -1.90 -3.24
N3 OMU B 5 -8.93 -0.84 -3.94
C4 OMU B 5 -7.68 -0.80 -4.50
C5 OMU B 5 -6.88 -1.99 -4.28
C6 OMU B 5 -7.36 -3.04 -3.58
O2 OMU B 5 -10.61 -1.82 -2.81
O4 OMU B 5 -7.33 0.17 -5.16
C1' OMU B 5 -9.23 -4.22 -2.38
C2' OMU B 5 -10.09 -5.04 -3.37
O2' OMU B 5 -11.26 -5.62 -2.75
CM2 OMU B 5 -12.34 -4.67 -2.58
C3' OMU B 5 -9.11 -6.14 -3.79
C4' OMU B 5 -8.37 -6.37 -2.47
O3' OMU B 5 -9.84 -7.26 -4.24
O4' OMU B 5 -8.22 -5.09 -1.86
C5' OMU B 5 -7.02 -7.08 -2.66
O5' OMU B 5 -6.13 -6.31 -3.44
P OMU B 5 -4.68 -6.85 -3.90
OP1 OMU B 5 -4.85 -8.22 -4.44
OP2 OMU B 5 -4.06 -5.81 -4.75
HN3 OMU B 5 -9.52 -0.04 -4.10
H5 OMU B 5 -5.88 -2.01 -4.68
H6 OMU B 5 -6.73 -3.91 -3.43
H1' OMU B 5 -9.86 -3.87 -1.56
H2' OMU B 5 -10.35 -4.44 -4.26
HM21 OMU B 5 -12.61 -4.23 -3.55
HM22 OMU B 5 -12.05 -3.87 -1.91
HM23 OMU B 5 -13.21 -5.17 -2.18
H3' OMU B 5 -8.42 -5.76 -4.55
H4' OMU B 5 -9.00 -6.99 -1.83
HO3' OMU B 5 -10.70 -7.18 -3.79
H5' OMU B 5 -6.57 -7.29 -1.69
H5'' OMU B 5 -7.20 -8.04 -3.16
N1 OMU B 1 6.64 5.50 4.64
C2 OMU B 1 5.84 4.55 5.26
N3 OMU B 1 4.48 4.77 5.25
C4 OMU B 1 3.84 5.86 4.69
C5 OMU B 1 4.73 6.81 4.05
C6 OMU B 1 6.08 6.61 4.04
O2 OMU B 1 6.28 3.54 5.81
O4 OMU B 1 2.62 5.95 4.77
C1' OMU B 1 8.12 5.24 4.61
C2' OMU B 1 8.46 4.24 3.47
O2' OMU B 1 9.54 3.38 3.88
CM2 OMU B 1 9.15 2.31 4.78
C3' OMU B 1 8.88 5.23 2.36
C4' OMU B 1 9.69 6.21 3.22
O3' OMU B 1 9.61 4.63 1.30
O4' OMU B 1 8.89 6.42 4.38
C5' OMU B 1 10.06 7.52 2.51
O5' OMU B 1 8.93 8.25 2.07
HN3 OMU B 1 3.90 4.08 5.68
H5 OMU B 1 4.30 7.69 3.59
H6 OMU B 1 6.72 7.34 3.53
H1' OMU B 1 8.41 4.81 5.57
H2' OMU B 1 7.59 3.68 3.17
HM21 OMU B 1 8.81 2.71 5.73
HM22 OMU B 1 8.36 1.72 4.34
HM23 OMU B 1 10.02 1.66 4.97
H3' OMU B 1 7.99 5.74 1.98
H4' OMU B 1 10.61 5.70 3.50
H5' OMU B 1 10.65 8.13 3.20
H5'' OMU B 1 10.69 7.29 1.65
HO5' OMU B 1 9.22 9.07 1.60
O5' LCC B 2 7.85 2.92 0.53
C5' LCC B 2 8.35 1.65 0.92
C4' LCC B 2 7.25 0.77 1.51
O4' LCC B 2 6.61 1.38 2.64
C1' LCC B 2 5.42 0.63 2.86
N1 LCC B 2 4.19 1.47 2.80
C6 LCC B 2 4.19 2.71 2.22
C5 LCC B 2 3.04 3.43 2.17
C5M LCC B 2 3.05 4.79 1.47
C4 LCC B 2 1.91 2.85 2.78
N4 LCC B 2 0.80 3.49 2.81
N3 LCC B 2 1.88 1.67 3.32
C2 LCC B 2 3.03 0.98 3.35
O2 LCC B 2 2.99 -0.14 3.88
C3' LCC B 2 6.08 0.44 0.58
C2' LCC B 2 5.48 -0.39 1.72
O2' LCC B 2 6.47 -1.35 2.07
O3' LCC B 2 6.38 -0.32 -0.59
C6' LCC B 2 7.71 -0.64 1.93
P LCC B 2 8.85 4.08 0.00
O1P LCC B 2 9.85 3.44 -0.89
O2P LCC B 2 8.01 5.16 -0.54
H5'1 LCC B 2 9.13 1.78 1.67
H5'2 LCC B 2 8.79 1.15 0.06
H1' LCC B 2 5.48 0.10 3.82
H6 LCC B 2 5.09 3.10 1.78
H5M1 LCC B 2 2.65 5.56 2.11
H5M2 LCC B 2 4.06 5.08 1.18
H5M3 LCC B 2 2.43 4.74 0.58
H41 LCC B 2 0.02 3.03 3.26
H42 LCC B 2 0.76 4.38 2.36
H3' LCC B 2 5.49 1.32 0.34
H2'1 LCC B 2 4.51 -0.82 1.48
H6'1 LCC B 2 8.26 -0.60 2.87
H6'2 LCC B 2 8.32 -1.09 1.14
N1 OMC B 3 0.53 -0.92 1.20
C2 OMC B 3 -0.73 -0.71 1.77
N3 OMC B 3 -1.40 0.45 1.62
C4 OMC B 3 -0.84 1.40 0.90
C5 OMC B 3 0.43 1.25 0.25
C6 OMC B 3 1.09 0.08 0.44
O2 OMC B 3 -1.29 -1.59 2.43
N4 OMC B 3 -1.52 2.51 0.82
C1' OMC B 3 1.19 -2.24 1.43
C2' OMC B 3 0.62 -3.27 0.46
O2' OMC B 3 0.57 -4.57 1.08
CM2 OMC B 3 -0.52 -4.74 2.00
C3' OMC B 3 1.64 -3.17 -0.69
C4' OMC B 3 2.91 -3.09 0.13
O4' OMC B 3 2.60 -2.20 1.20
O3' OMC B 3 1.59 -4.28 -1.59
C5' OMC B 3 4.16 -2.63 -0.63
O5' OMC B 3 4.06 -1.26 -1.04
P OMC B 3 5.29 -0.51 -1.74
OP1 OMC B 3 5.89 -1.39 -2.78
OP2 OMC B 3 4.82 0.85 -2.14
H5 OMC B 3 0.87 2.04 -0.33
H6 OMC B 3 2.06 -0.07 -0.02
HN41 OMC B 3 -2.38 2.56 1.33
HN42 OMC B 3 -1.17 3.28 0.27
H1' OMC B 3 1.01 -2.56 2.46
H2' OMC B 3 -0.37 -2.97 0.09
HM21 OMC B 3 -1.47 -4.53 1.50
HM22 OMC B 3 -0.54 -5.77 2.36
HM23 OMC B 3 -0.42 -4.08 2.86
H3' OMC B 3 1.52 -2.23 -1.23
H4' OMC B 3 3.12 -4.09 0.54
H5' OMC B 3 5.02 -2.75 0.02
H5'' OMC B 3 4.29 -3.26 -1.51
P LCG B 4 0.69 -4.21 -2.91
OP1 LCG B 4 0.67 -5.56 -3.54
O5' LCG B 4 -0.81 -3.88 -2.40
C5' LCG B 4 -1.59 -4.87 -1.75
C3' LCG B 4 -3.88 -3.74 -2.31
C6' LCG B 4 -3.83 -5.34 -0.56
N9 LCG B 4 -4.03 -1.17 -0.63
C8 LCG B 4 -3.04 -0.45 -1.25
C4 LCG B 4 -5.03 -0.26 -0.35
N7 LCG B 4 -3.31 0.83 -1.37
C5 LCG B 4 -4.57 0.96 -0.76
C6 LCG B 4 -5.43 2.08 -0.50
C2' LCG B 4 -4.88 -3.46 -1.20
O6 LCG B 4 -5.25 3.29 -0.72
C4' LCG B 4 -2.93 -4.30 -1.25
C1' LCG B 4 -4.06 -2.60 -0.24
C2 LCG B 4 -6.96 0.53 0.42
N1 LCG B 4 -6.63 1.76 0.06
O4' LCG B 4 -2.77 -3.20 -0.34
OP2 LCG B 4 1.14 -3.05 -3.72
N2 LCG B 4 -8.12 0.37 0.97
N3 LCG B 4 -6.20 -0.55 0.27
O2' LCG B 4 -5.11 -4.71 -0.55
O3' LCG B 4 -4.31 -4.68 -3.29
H5' LCG B 4 -1.05 -5.28 -0.91
H5'' LCG B 4 -1.81 -5.68 -2.44
H3' LCG B 4 -3.46 -2.83 -2.75
H6'1 LCG B 4 -3.48 -5.56 0.45
H6'2 LCG B 4 -3.87 -6.27 -1.15
H8 LCG B 4 -2.11 -0.89 -1.58
H2' LCG B 4 -5.80 -2.95 -1.54
H1' LCG B 4 -4.46 -2.70 0.78
H1 LCG B 4 -7.24 2.52 0.31
H21 LCG B 4 -8.38 -0.56 1.24
H22 LCG B 4 -8.75 1.16 1.02
N1 OMU B 5 -8.63 -0.43 -2.53
C2 OMU B 5 -9.30 0.77 -2.33
N3 OMU B 5 -8.65 1.93 -2.73
C4 OMU B 5 -7.41 1.99 -3.32
C5 OMU B 5 -6.78 0.70 -3.51
C6 OMU B 5 -7.39 -0.45 -3.12
O2 OMU B 5 -10.44 0.86 -1.85
O4 OMU B 5 -6.94 3.07 -3.64
C1' OMU B 5 -9.35 -1.70 -2.17
C2' OMU B 5 -10.32 -2.11 -3.29
O2' OMU B 5 -11.53 -2.69 -2.77
CM2 OMU B 5 -12.49 -1.72 -2.31
C3' OMU B 5 -9.49 -3.15 -4.04
C4' OMU B 5 -8.74 -3.83 -2.87
O3' OMU B 5 -10.35 -4.04 -4.73
O4' OMU B 5 -8.44 -2.78 -1.94
C5' OMU B 5 -7.48 -4.57 -3.34
O5' OMU B 5 -6.54 -3.69 -3.95
P OMU B 5 -5.15 -4.21 -4.56
OP1 OMU B 5 -5.42 -5.40 -5.40
OP2 OMU B 5 -4.46 -3.04 -5.16
HN3 OMU B 5 -9.13 2.81 -2.58
H5 OMU B 5 -5.79 0.69 -3.95
H6 OMU B 5 -6.88 -1.39 -3.28
H1' OMU B 5 -9.91 -1.51 -1.26
H2' OMU B 5 -10.54 -1.28 -3.97
HM21 OMU B 5 -12.08 -1.17 -1.46
HM22 OMU B 5 -13.39 -2.23 -1.98
HM23 OMU B 5 -12.74 -1.02 -3.10
H3' OMU B 5 -8.79 -2.67 -4.72
H4' OMU B 5 -9.41 -4.53 -2.39
HO3' OMU B 5 -11.19 -3.98 -4.23
H5' OMU B 5 -7.01 -5.04 -2.46
H5'' OMU B 5 -7.77 -5.35 -4.03
N1 OMU B 1 6.94 5.15 4.75
C2 OMU B 1 6.10 4.31 5.49
N3 OMU B 1 4.77 4.64 5.51
C4 OMU B 1 4.17 5.70 4.90
C5 OMU B 1 5.10 6.52 4.15
C6 OMU B 1 6.43 6.25 4.08
O2 OMU B 1 6.49 3.31 6.09
O4 OMU B 1 2.96 5.88 5.01
C1' OMU B 1 8.39 4.78 4.67
C2' OMU B 1 8.65 3.87 3.46
O2' OMU B 1 9.58 2.82 3.82
CM2 OMU B 1 8.99 1.74 4.58
C3' OMU B 1 9.27 4.87 2.47
C4' OMU B 1 10.12 5.69 3.44
O3' OMU B 1 10.01 4.26 1.42
O4' OMU B 1 9.24 5.92 4.55
C5' OMU B 1 10.69 7.00 2.86
O5' OMU B 1 9.66 7.92 2.48
HN3 OMU B 1 4.16 3.99 5.99
H5 OMU B 1 4.70 7.38 3.62
H6 OMU B 1 7.09 6.89 3.52
H1' OMU B 1 8.67 4.26 5.59
H2' OMU B 1 7.72 3.47 3.05
HM21 OMU B 1 9.72 0.94 4.70
HM22 OMU B 1 8.72 2.07 5.58
HM23 OMU B 1 8.10 1.33 4.08
H3' OMU B 1 8.47 5.52 2.07
H4' OMU B 1 10.94 5.06 3.76
H5' OMU B 1 11.33 7.45 3.61
H5'' OMU B 1 11.30 6.76 1.98
HO5' OMU B 1 9.23 8.25 3.29
O5' LCC B 2 8.06 3.02 0.33
C5' LCC B 2 8.25 1.65 0.64
C4' LCC B 2 6.97 0.91 1.09
O4' LCC B 2 6.36 1.45 2.26
C1' LCC B 2 5.13 0.75 2.42
N1 LCC B 2 3.93 1.61 2.55
C6 LCC B 2 3.89 2.90 2.13
C5 LCC B 2 2.74 3.61 2.23
C5M LCC B 2 2.71 5.05 1.70
C4 LCC B 2 1.65 2.95 2.83
N4 LCC B 2 0.53 3.59 3.03
N3 LCC B 2 1.66 1.72 3.26
C2 LCC B 2 2.79 1.03 3.11
O2 LCC B 2 2.79 -0.14 3.50
C3' LCC B 2 5.79 0.86 0.12
C2' LCC B 2 5.08 -0.06 1.11
O2' LCC B 2 5.96 -1.17 1.31
O3' LCC B 2 6.03 0.29 -1.16
C6' LCC B 2 7.26 -0.59 1.32
P LCC B 2 9.33 3.96 0.02
O1P LCC B 2 10.28 3.19 -0.82
O2P LCC B 2 8.78 5.23 -0.51
H5'1 LCC B 2 8.98 1.57 1.44
H5'2 LCC B 2 8.65 1.14 -0.24
H1' LCC B 2 5.20 0.05 3.26
H6 LCC B 2 4.76 3.34 1.69
H5M1 LCC B 2 2.11 5.09 0.79
H5M2 LCC B 2 2.27 5.72 2.44
H5M3 LCC B 2 3.72 5.39 1.49
H41 LCC B 2 -0.21 3.09 3.49
H42 LCC B 2 0.48 4.55 2.76
H3' LCC B 2 5.33 1.85 0.04
H2'1 LCC B 2 4.08 -0.33 0.82
H6'1 LCC B 2 7.76 -0.76 2.28
H6'2 LCC B 2 7.85 -1.00 0.51
N1 OMC B 3 0.33 -0.81 0.76
C2 OMC B 3 -0.89 -0.78 1.47
N3 OMC B 3 -1.59 0.38 1.58
C4 OMC B 3 -1.13 1.46 0.99
C5 OMC B 3 0.08 1.49 0.24
C6 OMC B 3 0.79 0.33 0.16
O2 OMC B 3 -1.37 -1.77 2.01
N4 OMC B 3 -1.85 2.54 1.13
C1' OMC B 3 1.02 -2.12 0.66
C2' OMC B 3 0.40 -2.96 -0.49
O2' OMC B 3 0.42 -4.35 -0.18
CM2 OMC B 3 -0.58 -4.77 0.77
C3' OMC B 3 1.34 -2.56 -1.65
C4' OMC B 3 2.67 -2.62 -0.90
O4' OMC B 3 2.41 -2.00 0.36
O3' OMC B 3 1.26 -3.43 -2.76
C5' OMC B 3 3.85 -1.97 -1.62
O5' OMC B 3 3.69 -0.55 -1.76
P OMC B 3 4.91 0.36 -2.31
OP1 OMC B 3 5.48 -0.30 -3.52
OP2 OMC B 3 4.45 1.76 -2.40
H5 OMC B 3 0.45 2.38 -0.25
H6 OMC B 3 1.72 0.29 -0.41
HN41 OMC B 3 -2.69 2.47 1.70
HN42 OMC B 3 -1.59 3.38 0.67
H1' OMC B 3 0.91 -2.66 1.61
H2' OMC B 3 -0.61 -2.61 -0.72
HM21 OMC B 3 -0.41 -4.34 1.75
HM22 OMC B 3 -1.59 -4.49 0.43
HM23 OMC B 3 -0.56 -5.86 0.88
H3' OMC B 3 1.15 -1.53 -1.94
H4' OMC B 3 2.91 -3.67 -0.73
H5' OMC B 3 4.75 -2.18 -1.06
H5'' OMC B 3 3.94 -2.41 -2.61
P LCG B 4 0.25 -3.13 -3.97
OP1 LCG B 4 0.27 -4.28 -4.90
O5' LCG B 4 -1.22 -3.03 -3.32
C5' LCG B 4 -1.91 -4.20 -2.88
C3' LCG B 4 -4.25 -3.10 -3.04
C6' LCG B 4 -4.06 -5.04 -1.68
N9 LCG B 4 -4.29 -0.94 -0.90
C8 LCG B 4 -3.32 -0.12 -1.43
C4 LCG B 4 -5.26 -0.09 -0.43
N7 LCG B 4 -3.59 1.15 -1.34
C5 LCG B 4 -4.83 1.18 -0.69
C6 LCG B 4 -5.68 2.26 -0.24
C2' LCG B 4 -5.19 -3.08 -1.83
O6 LCG B 4 -5.51 3.48 -0.32
C4' LCG B 4 -3.23 -3.83 -2.18
C1' LCG B 4 -4.31 -2.41 -0.76
C2 LCG B 4 -7.16 0.58 0.54
N1 LCG B 4 -6.85 1.86 0.35
O4' LCG B 4 -3.03 -2.97 -1.05
OP2 LCG B 4 0.58 -1.78 -4.50
N2 LCG B 4 -8.29 0.38 1.12
N3 LCG B 4 -6.43 -0.45 0.18
O2' LCG B 4 -5.36 -4.45 -1.45
O3' LCG B 4 -4.74 -3.83 -4.16
H5' LCG B 4 -1.28 -4.75 -2.18
H5'' LCG B 4 -2.13 -4.83 -3.73
H3' LCG B 4 -3.88 -2.11 -3.32
H6'1 LCG B 4 -3.63 -5.44 -0.76
H6'2 LCG B 4 -4.12 -5.81 -2.44
H8 LCG B 4 -2.41 -0.50 -1.87
H2' LCG B 4 -6.12 -2.54 -2.01
H1' LCG B 4 -4.66 -2.70 0.23
H1 LCG B 4 -7.42 2.58 0.74
H21 LCG B 4 -8.57 -0.57 1.28
H22 LCG B 4 -8.88 1.16 1.37
N1 OMU B 5 -8.98 0.22 -2.37
C2 OMU B 5 -9.64 1.38 -1.94
N3 OMU B 5 -9.04 2.60 -2.24
C4 OMU B 5 -7.87 2.76 -2.94
C5 OMU B 5 -7.23 1.52 -3.33
C6 OMU B 5 -7.77 0.31 -3.03
O2 OMU B 5 -10.71 1.37 -1.34
O4 OMU B 5 -7.47 3.88 -3.22
C1' OMU B 5 -9.67 -1.09 -2.18
C2' OMU B 5 -10.72 -1.31 -3.29
O2' OMU B 5 -11.89 -2.00 -2.80
CM2 OMU B 5 -12.84 -1.13 -2.13
C3' OMU B 5 -9.94 -2.19 -4.27
C4' OMU B 5 -9.12 -3.05 -3.30
O3' OMU B 5 -10.87 -2.95 -5.05
O4' OMU B 5 -8.76 -2.19 -2.22
C5' OMU B 5 -7.90 -3.70 -3.96
O5' OMU B 5 -7.01 -2.72 -4.48
P OMU B 5 -5.66 -3.13 -5.26
OP1 OMU B 5 -6.01 -4.15 -6.27
OP2 OMU B 5 -5.00 -1.88 -5.69
HN3 OMU B 5 -9.50 3.44 -1.92
H5 OMU B 5 -6.28 1.58 -3.85
H6 OMU B 5 -7.26 -0.59 -3.35
H1' OMU B 5 -10.17 -1.08 -1.21
H2' OMU B 5 -10.98 -0.36 -3.77
HM21 OMU B 5 -13.71 -1.71 -1.84
HM22 OMU B 5 -13.17 -0.33 -2.78
HM23 OMU B 5 -12.40 -0.70 -1.23
H3' OMU B 5 -9.30 -1.58 -4.90
H4' OMU B 5 -9.76 -3.84 -2.91
HO3' OMU B 5 -11.67 -2.99 -4.48
H5' OMU B 5 -7.39 -4.33 -3.23
H5'' OMU B 5 -8.25 -4.33 -4.79
N1 OMU B 1 4.24 8.10 3.79
C2 OMU B 1 3.62 7.01 4.43
N3 OMU B 1 2.25 6.98 4.43
C4 OMU B 1 1.41 7.92 3.87
C5 OMU B 1 2.11 8.99 3.19
C6 OMU B 1 3.47 9.06 3.16
O2 OMU B 1 4.23 6.11 4.99
O4 OMU B 1 0.20 7.80 3.98
C1' OMU B 1 5.72 8.27 3.99
C2' OMU B 1 6.55 7.21 3.24
O2' OMU B 1 7.67 6.78 4.05
CM2 OMU B 1 7.32 5.75 5.00
C3' OMU B 1 7.01 8.01 1.99
C4' OMU B 1 7.27 9.36 2.65
O3' OMU B 1 8.17 7.48 1.35
O4' OMU B 1 6.18 9.55 3.54
C5' OMU B 1 7.37 10.49 1.61
O5' OMU B 1 7.64 11.74 2.23
HN3 OMU B 1 1.81 6.24 4.95
H5 OMU B 1 1.51 9.75 2.70
H6 OMU B 1 3.95 9.90 2.66
H1' OMU B 1 5.92 8.18 5.06
H2' OMU B 1 5.93 6.37 2.91
HM21 OMU B 1 6.66 6.14 5.77
HM22 OMU B 1 6.84 4.91 4.50
HM23 OMU B 1 8.22 5.40 5.49
H3' OMU B 1 6.19 8.10 1.28
H4' OMU B 1 8.20 9.31 3.20
H5' OMU B 1 8.17 10.25 0.91
H5'' OMU B 1 6.42 10.55 1.06
HO5' OMU B 1 7.67 12.45 1.55
O5' LCC B 2 7.51 5.02 1.20
C5' LCC B 2 6.82 3.94 0.59
C4' LCC B 2 6.04 3.11 1.62
O4' LCC B 2 5.20 3.93 2.44
C1' LCC B 2 4.22 3.06 2.99
N1 LCC B 2 2.85 3.51 2.59
C6 LCC B 2 2.65 4.53 1.72
C5 LCC B 2 1.42 5.06 1.54
C5M LCC B 2 1.25 6.21 0.54
C4 LCC B 2 0.38 4.50 2.32
N4 LCC B 2 -0.82 4.96 2.23
N3 LCC B 2 0.55 3.52 3.17
C2 LCC B 2 1.77 3.01 3.31
O2 LCC B 2 1.90 2.08 4.10
C3' LCC B 2 5.07 2.10 0.98
C2' LCC B 2 4.64 1.70 2.38
O2' LCC B 2 5.85 1.30 3.06
O3' LCC B 2 5.71 1.09 0.22
C6' LCC B 2 6.84 2.22 2.57
P LCC B 2 8.07 6.26 0.34
O1P LCC B 2 9.44 5.91 -0.12
O2P LCC B 2 7.05 6.61 -0.69
H5'1 LCC B 2 7.53 3.31 0.06
H5'2 LCC B 2 6.11 4.34 -0.13
H1' LCC B 2 4.31 3.00 4.08
H6 LCC B 2 3.49 4.93 1.16
H5M1 LCC B 2 2.17 6.42 0.00
H5M2 LCC B 2 0.47 5.97 -0.19
H5M3 LCC B 2 0.96 7.11 1.07
H41 LCC B 2 -1.52 4.54 2.83
H42 LCC B 2 -0.99 5.71 1.60
H3' LCC B 2 4.29 2.61 0.42
H2'1 LCC B 2 3.85 0.95 2.41
H6'1 LCC B 2 7.28 2.80 3.38
H6'2 LCC B 2 7.62 1.66 2.03
N1 OMC B 3 0.30 -0.60 2.07
C2 OMC B 3 -1.06 -0.57 2.37
N3 OMC B 3 -1.86 0.43 1.92
C4 OMC B 3 -1.32 1.36 1.15
C5 OMC B 3 0.04 1.38 0.78
C6 OMC B 3 0.83 0.38 1.26
O2 OMC B 3 -1.59 -1.44 3.07
N4 OMC B 3 -2.13 2.31 0.77
C1' OMC B 3 1.16 -1.65 2.70
C2' OMC B 3 0.96 -3.00 1.98
O2' OMC B 3 1.12 -4.08 2.92
CM2 OMC B 3 -0.06 -4.31 3.72
C3' OMC B 3 2.09 -2.92 0.94
C4' OMC B 3 3.19 -2.31 1.80
O4' OMC B 3 2.55 -1.34 2.63
O3' OMC B 3 2.42 -4.18 0.36
C5' OMC B 3 4.35 -1.70 1.00
O5' OMC B 3 3.88 -0.66 0.15
P OMC B 3 4.88 0.18 -0.80
OP1 OMC B 3 5.83 -0.76 -1.44
OP2 OMC B 3 4.08 1.07 -1.66
H5 OMC B 3 0.47 2.14 0.16
H6 OMC B 3 1.89 0.36 1.01
HN41 OMC B 3 -3.09 2.29 1.09
HN42 OMC B 3 -1.77 3.07 0.24
H1' OMC B 3 0.86 -1.74 3.75
H2' OMC B 3 0.01 -3.05 1.47
HM21 OMC B 3 -0.93 -4.51 3.09
HM22 OMC B 3 0.10 -5.19 4.35
HM23 OMC B 3 -0.27 -3.48 4.37
H3' OMC B 3 1.81 -2.20 0.16
H4' OMC B 3 3.60 -3.11 2.45
H5' OMC B 3 5.09 -1.29 1.68
H5'' OMC B 3 4.81 -2.49 0.40
P LCG B 4 1.74 -4.64 -1.01
OP1 LCG B 4 2.16 -6.05 -1.28
O5' LCG B 4 0.15 -4.64 -0.74
C5' LCG B 4 -0.48 -5.64 0.04
C3' LCG B 4 -2.82 -5.23 -1.00
C6' LCG B 4 -2.74 -6.38 1.08
N9 LCG B 4 -3.70 -2.48 -0.03
C8 LCG B 4 -2.74 -1.68 -0.62
C4 LCG B 4 -4.87 -1.79 -0.15
N7 LCG B 4 -3.21 -0.57 -1.11
C5 LCG B 4 -4.58 -0.61 -0.79
C6 LCG B 4 -5.66 0.31 -1.00
C2' LCG B 4 -4.03 -4.96 -0.11
O6 LCG B 4 -5.66 1.42 -1.53
C4' LCG B 4 -1.97 -5.33 0.26
C1' LCG B 4 -3.54 -3.75 0.71
C2 LCG B 4 -7.03 -1.30 0.08
N1 LCG B 4 -6.87 -0.13 -0.52
O4' LCG B 4 -2.16 -4.06 0.90
OP2 LCG B 4 2.00 -3.62 -2.05
N2 LCG B 4 -8.23 -1.59 0.46
N3 LCG B 4 -6.08 -2.19 0.32
O2' LCG B 4 -4.11 -6.07 0.79
O3' LCG B 4 -2.92 -6.42 -1.77
H5' LCG B 4 0.01 -5.71 1.01
H5'' LCG B 4 -0.39 -6.61 -0.46
H3' LCG B 4 -2.53 -4.36 -1.60
H6'1 LCG B 4 -2.52 -6.28 2.13
H6'2 LCG B 4 -2.49 -7.38 0.72
H8 LCG B 4 -1.70 -1.96 -0.67
H2' LCG B 4 -4.96 -4.75 -0.65
H1' LCG B 4 -4.08 -3.69 1.67
H1 LCG B 4 -7.66 0.49 -0.64
H21 LCG B 4 -8.36 -2.47 0.92
H22 LCG B 4 -8.99 -0.93 0.28
N1 OMU B 5 -7.94 -2.99 -2.84
C2 OMU B 5 -8.79 -1.91 -3.08
N3 OMU B 5 -8.24 -0.78 -3.67
C4 OMU B 5 -6.92 -0.65 -4.05
C5 OMU B 5 -6.09 -1.80 -3.74
C6 OMU B 5 -6.60 -2.91 -3.16
O2 OMU B 5 -10.00 -1.91 -2.82
O4 OMU B 5 -6.55 0.36 -4.63
C1' OMU B 5 -8.53 -4.24 -2.29
C2' OMU B 5 -9.13 -5.09 -3.43
O2' OMU B 5 -10.35 -5.74 -3.04
CM2 OMU B 5 -11.51 -4.86 -2.97
C3' OMU B 5 -8.01 -6.12 -3.65
C4' OMU B 5 -7.47 -6.31 -2.24
O3' OMU B 5 -8.56 -7.31 -4.20
O4' OMU B 5 -7.56 -5.04 -1.60
C5' OMU B 5 -6.04 -6.87 -2.24
O5' OMU B 5 -5.14 -6.01 -2.92
P OMU B 5 -3.61 -6.42 -3.21
OP1 OMU B 5 -3.59 -7.81 -3.72
OP2 OMU B 5 -3.00 -5.34 -4.02
HN3 OMU B 5 -8.85 -0.02 -3.88
H5 OMU B 5 -5.04 -1.75 -4.00
H6 OMU B 5 -5.96 -3.74 -2.95
H1' OMU B 5 -9.32 -3.98 -1.58
H2' OMU B 5 -9.26 -4.50 -4.34
HM21 OMU B 5 -11.39 -4.13 -2.16
HM22 OMU B 5 -12.40 -5.45 -2.77
HM23 OMU B 5 -11.64 -4.32 -3.90
H3' OMU B 5 -7.24 -5.69 -4.31
H4' OMU B 5 -8.14 -7.00 -1.70
HO3' OMU B 5 -9.51 -7.27 -3.92
H5' OMU B 5 -5.72 -7.01 -1.19
H5'' OMU B 5 -6.05 -7.85 -2.71
N1 OMU B 1 4.64 7.20 5.58
C2 OMU B 1 3.82 6.06 5.59
N3 OMU B 1 2.51 6.21 5.20
C4 OMU B 1 1.91 7.40 4.88
C5 OMU B 1 2.81 8.53 4.85
C6 OMU B 1 4.13 8.41 5.19
O2 OMU B 1 4.21 4.94 5.93
O4 OMU B 1 0.69 7.42 4.67
C1' OMU B 1 6.01 7.05 6.17
C2' OMU B 1 6.94 6.21 5.28
O2' OMU B 1 7.84 5.44 6.12
CM2 OMU B 1 7.25 4.21 6.59
C3' OMU B 1 7.67 7.30 4.47
C4' OMU B 1 7.83 8.36 5.56
O3' OMU B 1 8.90 6.87 3.90
O4' OMU B 1 6.65 8.32 6.35
C5' OMU B 1 8.09 9.77 5.01
O5' OMU B 1 7.05 10.24 4.15
HN3 OMU B 1 1.91 5.40 5.26
H5 OMU B 1 2.40 9.50 4.56
H6 OMU B 1 4.76 9.28 5.18
H1' OMU B 1 5.90 6.57 7.14
H2' OMU B 1 6.37 5.57 4.60
HM21 OMU B 1 6.91 3.60 5.75
HM22 OMU B 1 7.99 3.63 7.15
HM23 OMU B 1 6.41 4.40 7.24
H3' OMU B 1 6.99 7.68 3.71
H4' OMU B 1 8.68 8.06 6.18
H5' OMU B 1 8.20 10.46 5.85
H5'' OMU B 1 9.05 9.76 4.47
HO5' OMU B 1 7.30 11.13 3.80
O5' LCC B 2 8.15 4.67 2.84
C5' LCC B 2 7.53 3.93 1.80
C4' LCC B 2 6.61 2.83 2.34
O4' LCC B 2 5.65 3.33 3.26
C1' LCC B 2 4.61 2.36 3.32
N1 LCC B 2 3.31 2.93 2.85
C6 LCC B 2 3.22 4.21 2.37
C5 LCC B 2 2.03 4.73 2.03
C5M LCC B 2 1.98 6.16 1.46
C4 LCC B 2 0.89 3.91 2.24
N4 LCC B 2 -0.29 4.34 1.95
N3 LCC B 2 0.95 2.70 2.72
C2 LCC B 2 2.15 2.20 3.02
O2 LCC B 2 2.18 1.06 3.47
C3' LCC B 2 5.78 2.12 1.27
C2' LCC B 2 5.16 1.28 2.39
O2' LCC B 2 6.27 0.65 3.05
O3' LCC B 2 6.51 1.40 0.30
C6' LCC B 2 7.31 1.64 3.03
P LCC B 2 8.93 6.05 2.54
O1P LCC B 2 10.35 5.70 2.24
O2P LCC B 2 8.16 6.81 1.53
H5'1 LCC B 2 8.30 3.49 1.16
H5'2 LCC B 2 6.94 4.60 1.18
H1' LCC B 2 4.50 1.96 4.33
H6 LCC B 2 4.12 4.80 2.25
H5M1 LCC B 2 1.31 6.78 2.04
H5M2 LCC B 2 2.97 6.62 1.46
H5M3 LCC B 2 1.63 6.14 0.43
H41 LCC B 2 -1.06 3.75 2.21
H42 LCC B 2 -0.38 5.26 1.53
H3' LCC B 2 5.06 2.81 0.81
H2'1 LCC B 2 4.41 0.57 2.03
H6'1 LCC B 2 7.62 1.91 4.04
H6'2 LCC B 2 8.16 1.30 2.44
N1 OMC B 3 0.92 -0.98 0.87
C2 OMC B 3 -0.46 -1.17 1.04
N3 OMC B 3 -1.35 -0.22 0.67
C4 OMC B 3 -0.89 0.89 0.12
C5 OMC B 3 0.50 1.13 -0.11
C6 OMC B 3 1.38 0.18 0.28
O2 OMC B 3 -0.91 -2.20 1.53
N4 OMC B 3 -1.79 1.77 -0.22
C1' OMC B 3 1.84 -2.04 1.38
C2' OMC B 3 1.86 -3.24 0.41
O2' OMC B 3 2.08 -4.47 1.14
CM2 OMC B 3 0.92 -4.97 1.83
C3' OMC B 3 3.05 -2.83 -0.48
C4' OMC B 3 4.00 -2.35 0.60
O4' OMC B 3 3.19 -1.60 1.50
O3' OMC B 3 3.55 -3.90 -1.29
C5' OMC B 3 5.18 -1.50 0.10
O5' OMC B 3 4.75 -0.28 -0.48
P OMC B 3 5.79 0.81 -1.01
OP1 OMC B 3 6.84 0.14 -1.82
OP2 OMC B 3 5.03 1.93 -1.62
H5 OMC B 3 0.86 2.05 -0.56
H6 OMC B 3 2.45 0.33 0.15
HN41 OMC B 3 -2.75 1.55 -0.03
HN42 OMC B 3 -1.50 2.64 -0.61
H1' OMC B 3 1.48 -2.37 2.36
H2' OMC B 3 0.94 -3.28 -0.19
HM21 OMC B 3 0.58 -4.27 2.59
HM22 OMC B 3 0.11 -5.16 1.12
HM23 OMC B 3 1.17 -5.91 2.32
H3' OMC B 3 2.76 -1.98 -1.11
H4' OMC B 3 4.40 -3.22 1.12
H5' OMC B 3 5.85 -1.31 0.93
H5'' OMC B 3 5.73 -2.09 -0.66
P LCG B 4 2.97 -4.14 -2.76
OP1 LCG B 4 3.60 -5.39 -3.28
O5' LCG B 4 1.40 -4.40 -2.60
C5' LCG B 4 0.91 -5.62 -2.05
C3' LCG B 4 -1.45 -5.43 -3.14
C6' LCG B 4 -1.21 -6.87 -1.26
N9 LCG B 4 -2.81 -3.05 -1.79
C8 LCG B 4 -1.99 -2.01 -2.17
C4 LCG B 4 -4.09 -2.59 -1.96
N7 LCG B 4 -2.65 -0.95 -2.57
C5 LCG B 4 -3.99 -1.30 -2.44
C6 LCG B 4 -5.23 -0.61 -2.67
C2' LCG B 4 -2.71 -5.50 -2.26
O6 LCG B 4 -5.42 0.54 -3.07
C4' LCG B 4 -0.62 -5.58 -1.86
C1' LCG B 4 -2.44 -4.38 -1.24
C2 LCG B 4 -6.31 -2.58 -1.92
N1 LCG B 4 -6.35 -1.34 -2.39
O4' LCG B 4 -1.05 -4.50 -1.04
OP2 LCG B 4 3.15 -2.90 -3.54
N2 LCG B 4 -7.45 -3.15 -1.72
N3 LCG B 4 -5.22 -3.28 -1.68
O2' LCG B 4 -2.60 -6.75 -1.56
O3' LCG B 4 -1.33 -6.48 -4.08
H5' LCG B 4 1.37 -5.80 -1.08
H5'' LCG B 4 1.15 -6.45 -2.72
H3' LCG B 4 -1.30 -4.44 -3.59
H6'1 LCG B 4 -1.03 -6.93 -0.19
H6'2 LCG B 4 -0.80 -7.75 -1.77
H8 LCG B 4 -0.91 -2.07 -2.12
H2' LCG B 4 -3.64 -5.38 -2.82
H1' LCG B 4 -3.00 -4.56 -0.33
H1 LCG B 4 -7.24 -0.88 -2.49
H21 LCG B 4 -7.45 -4.10 -1.39
H22 LCG B 4 -8.31 -2.65 -1.94
N1 OMU B 5 -6.76 -3.83 -5.09
C2 OMU B 5 -7.79 -2.91 -5.39
N3 OMU B 5 -7.39 -1.66 -5.83
C4 OMU B 5 -6.09 -1.26 -6.03
C5 OMU B 5 -5.10 -2.25 -5.69
C6 OMU B 5 -5.45 -3.48 -5.23
O2 OMU B 5 -9.00 -3.16 -5.31
O4 OMU B 5 -5.86 -0.14 -6.48
C1' OMU B 5 -7.18 -5.19 -4.65
C2' OMU B 5 -7.64 -6.03 -5.86
O2' OMU B 5 -8.73 -6.92 -5.54
CM2 OMU B 5 -10.01 -6.27 -5.50
C3' OMU B 5 -6.36 -6.82 -6.19
C4' OMU B 5 -5.80 -7.07 -4.80
O3' OMU B 5 -6.71 -8.01 -6.90
O4' OMU B 5 -6.11 -5.91 -4.03
C5' OMU B 5 -4.30 -7.38 -4.79
O5' OMU B 5 -3.55 -6.29 -5.30
P OMU B 5 -1.97 -6.37 -5.54
OP1 OMU B 5 -1.66 -7.63 -6.26
OP2 OMU B 5 -1.52 -5.09 -6.12
HN3 OMU B 5 -8.11 -1.00 -6.05
H5 OMU B 5 -4.06 -1.98 -5.80
H6 OMU B 5 -4.66 -4.19 -4.99
H1' OMU B 5 -8.00 -5.11 -3.94
H2' OMU B 5 -7.90 -5.39 -6.71
HM21 OMU B 5 -10.79 -7.00 -5.29
HM22 OMU B 5 -10.23 -5.80 -6.45
HM23 OMU B 5 -10.04 -5.52 -4.70
H3' OMU B 5 -5.68 -6.21 -6.78
H4' OMU B 5 -6.34 -7.92 -4.37
HO3' OMU B 5 -7.64 -8.19 -6.61
H5' OMU B 5 -3.98 -7.62 -3.79
H5'' OMU B 5 -4.14 -8.26 -5.43
N1 OMU B 1 4.63 6.88 4.53
C2 OMU B 1 4.00 5.81 5.17
N3 OMU B 1 2.62 5.87 5.26
C4 OMU B 1 1.82 6.88 4.80
C5 OMU B 1 2.53 7.95 4.15
C6 OMU B 1 3.89 7.94 4.03
O2 OMU B 1 4.59 4.84 5.65
O4 OMU B 1 0.60 6.81 4.97
C1' OMU B 1 6.13 6.89 4.52
C2' OMU B 1 6.69 5.87 3.50
O2' OMU B 1 7.93 5.30 4.00
CM2 OMU B 1 7.74 4.26 4.98
C3' OMU B 1 6.90 6.79 2.29
C4' OMU B 1 7.45 8.03 2.99
O3' OMU B 1 7.80 6.28 1.31
O4' OMU B 1 6.68 8.17 4.18
C5' OMU B 1 7.40 9.31 2.13
O5' OMU B 1 6.08 9.64 1.69
HN3 OMU B 1 2.15 5.08 5.68
H5 OMU B 1 1.96 8.78 3.75
H6 OMU B 1 4.40 8.77 3.54
H1' OMU B 1 6.46 6.61 5.52
H2' OMU B 1 5.97 5.10 3.27
HM21 OMU B 1 8.71 3.82 5.23
HM22 OMU B 1 7.30 4.65 5.89
HM23 OMU B 1 7.11 3.46 4.58
H3' OMU B 1 5.93 7.02 1.84
H4' OMU B 1 8.48 7.84 3.27
H5' OMU B 1 7.80 10.14 2.72
H5'' OMU B 1 8.04 9.16 1.26
HO5' OMU B 1 6.10 10.47 1.19
O5' LCC B 2 6.62 4.11 0.72
C5' LCC B 2 7.42 3.05 1.22
C4' LCC B 2 6.53 1.92 1.75
O4' LCC B 2 5.71 2.33 2.85
C1' LCC B 2 4.70 1.33 2.96
N1 LCC B 2 3.33 1.91 2.78
C6 LCC B 2 3.14 3.18 2.35
C5 LCC B 2 1.90 3.71 2.27
C5M LCC B 2 1.71 5.13 1.72
C4 LCC B 2 0.85 2.88 2.71
N4 LCC B 2 -0.37 3.31 2.69
N3 LCC B 2 0.99 1.66 3.14
C2 LCC B 2 2.24 1.16 3.18
O2 LCC B 2 2.37 0.00 3.58
C3' LCC B 2 5.56 1.32 0.73
C2' LCC B 2 5.09 0.36 1.83
O2' LCC B 2 6.26 -0.34 2.25
O3' LCC B 2 6.17 0.70 -0.40
C6' LCC B 2 7.29 0.66 2.21
P LCC B 2 7.27 5.42 0.08
O1P LCC B 2 8.45 4.99 -0.73
O2P LCC B 2 6.20 6.18 -0.60
H5'1 LCC B 2 8.06 3.41 2.02
H5'2 LCC B 2 8.05 2.66 0.43
H1' LCC B 2 4.78 0.81 3.92
H6 LCC B 2 4.00 3.77 2.04
H5M1 LCC B 2 2.68 5.63 1.56
H5M2 LCC B 2 1.17 5.09 0.77
H5M3 LCC B 2 1.13 5.73 2.41
H41 LCC B 2 -1.10 2.70 3.02
H42 LCC B 2 -0.52 4.28 2.48
H3' LCC B 2 4.80 2.05 0.44
H2'1 LCC B 2 4.27 -0.28 1.51
H6'1 LCC B 2 7.75 0.81 3.18
H6'2 LCC B 2 8.05 0.37 1.48
N1 OMC B 3 0.60 -1.47 0.61
C2 OMC B 3 -0.76 -1.62 0.94
N3 OMC B 3 -1.62 -0.58 0.82
C4 OMC B 3 -1.17 0.58 0.37
C5 OMC B 3 0.19 0.78 0.00
C6 OMC B 3 1.05 -0.26 0.14
O2 OMC B 3 -1.23 -2.68 1.34
N4 OMC B 3 -2.04 1.54 0.30
C1' OMC B 3 1.50 -2.64 0.84
C2' OMC B 3 1.35 -3.68 -0.30
O2' OMC B 3 1.52 -5.01 0.22
CM2 OMC B 3 0.36 -5.54 0.89
C3' OMC B 3 2.49 -3.23 -1.23
C4' OMC B 3 3.57 -2.93 -0.19
O4' OMC B 3 2.88 -2.27 0.88
O3' OMC B 3 2.88 -4.22 -2.19
C5' OMC B 3 4.73 -2.09 -0.73
O5' OMC B 3 4.29 -0.81 -1.15
P OMC B 3 5.31 0.29 -1.68
OP1 OMC B 3 6.23 -0.33 -2.66
OP2 OMC B 3 4.52 1.48 -2.10
H5 OMC B 3 0.57 1.73 -0.37
H6 OMC B 3 2.10 -0.14 -0.12
HN41 OMC B 3 -2.98 1.34 0.61
HN42 OMC B 3 -1.76 2.46 0.01
H1' OMC B 3 1.23 -3.10 1.79
H2' OMC B 3 0.40 -3.57 -0.82
HM21 OMC B 3 0.13 -4.95 1.79
HM22 OMC B 3 -0.50 -5.54 0.23
HM23 OMC B 3 0.55 -6.57 1.20
H3' OMC B 3 2.20 -2.30 -1.73
H4' OMC B 3 3.96 -3.88 0.16
H5' OMC B 3 5.47 -2.00 0.05
H5'' OMC B 3 5.17 -2.62 -1.58
P LCG B 4 2.26 -4.22 -3.66
OP1 LCG B 4 2.78 -5.43 -4.37
O5' LCG B 4 0.68 -4.39 -3.46
C5' LCG B 4 0.12 -5.64 -3.12
C3' LCG B 4 -2.21 -4.94 -4.02
C6' LCG B 4 -2.15 -6.82 -2.58
N9 LCG B 4 -3.22 -2.82 -2.08
C8 LCG B 4 -2.28 -1.86 -2.35
C4 LCG B 4 -4.40 -2.15 -1.92
N7 LCG B 4 -2.76 -0.65 -2.39
C5 LCG B 4 -4.12 -0.81 -2.10
C6 LCG B 4 -5.22 0.11 -1.96
C2' LCG B 4 -3.46 -5.08 -3.15
O6 LCG B 4 -5.23 1.34 -2.03
C4' LCG B 4 -1.40 -5.51 -2.86
C1' LCG B 4 -3.05 -4.28 -1.90
C2 LCG B 4 -6.57 -1.80 -1.56
N1 LCG B 4 -6.43 -0.50 -1.72
O4' LCG B 4 -1.68 -4.62 -1.79
OP2 LCG B 4 2.49 -2.90 -4.27
N2 LCG B 4 -7.77 -2.21 -1.32
N3 LCG B 4 -5.61 -2.70 -1.64
O2' LCG B 4 -3.51 -6.46 -2.79
O3' LCG B 4 -2.22 -5.74 -5.22
H5' LCG B 4 0.59 -6.03 -2.21
H5'' LCG B 4 0.28 -6.35 -3.94
H3' LCG B 4 -1.94 -3.91 -4.23
H6'1 LCG B 4 -1.96 -7.15 -1.56
H6'2 LCG B 4 -1.84 -7.59 -3.29
H8 LCG B 4 -1.25 -2.09 -2.50
H2' LCG B 4 -4.38 -4.70 -3.62
H1' LCG B 4 -3.63 -4.63 -1.04
H1 LCG B 4 -7.22 0.11 -1.56
H21 LCG B 4 -7.91 -3.20 -1.20
H22 LCG B 4 -8.54 -1.55 -1.33
N1 OMU B 5 -7.25 -2.24 -5.00
C2 OMU B 5 -8.14 -1.18 -4.79
N3 OMU B 5 -7.63 0.10 -4.85
C4 OMU B 5 -6.33 0.43 -5.13
C5 OMU B 5 -5.45 -0.71 -5.31
C6 OMU B 5 -5.91 -1.99 -5.24
O2 OMU B 5 -9.34 -1.34 -4.59
O4 OMU B 5 -5.98 1.60 -5.20
C1' OMU B 5 -7.80 -3.62 -4.98
C2' OMU B 5 -8.42 -3.95 -6.36
O2' OMU B 5 -9.59 -4.78 -6.24
CM2 OMU B 5 -10.79 -4.05 -5.91
C3' OMU B 5 -7.27 -4.73 -7.03
C4' OMU B 5 -6.70 -5.49 -5.82
O3' OMU B 5 -7.80 -5.58 -8.04
O4' OMU B 5 -6.79 -4.60 -4.72
C5' OMU B 5 -5.27 -5.99 -6.06
O5' OMU B 5 -4.37 -4.91 -6.28
P OMU B 5 -2.81 -5.15 -6.57
OP1 OMU B 5 -2.69 -6.20 -7.61
OP2 OMU B 5 -2.19 -3.83 -6.82
HN3 OMU B 5 -8.27 0.87 -4.69
H5 OMU B 5 -4.40 -0.51 -5.51
H6 OMU B 5 -5.23 -2.81 -5.39
H1' OMU B 5 -8.58 -3.67 -4.21
H2' OMU B 5 -8.63 -3.06 -6.95
HM21 OMU B 5 -11.64 -4.73 -5.89
HM22 OMU B 5 -10.98 -3.27 -6.65
HM23 OMU B 5 -10.71 -3.57 -4.92
H3' OMU B 5 -6.53 -4.05 -7.43
H4' OMU B 5 -7.34 -6.36 -5.63
HO3' OMU B 5 -8.72 -5.72 -7.77
H5' OMU B 5 -5.27 -6.64 -6.93
H5'' OMU B 5 -4.94 -6.56 -5.19
N1 OMU B 1 6.32 6.43 3.77
C2 OMU B 1 5.68 5.49 4.60
N3 OMU B 1 4.35 5.69 4.84
C4 OMU B 1 3.58 6.71 4.33
C5 OMU B 1 4.30 7.65 3.50
C6 OMU B 1 5.62 7.50 3.25
O2 OMU B 1 6.25 4.54 5.12
O4 OMU B 1 2.38 6.77 4.59
C1' OMU B 1 7.79 6.26 3.57
C2' OMU B 1 8.08 5.13 2.55
O2' OMU B 1 9.30 4.43 2.90
CM2 OMU B 1 9.15 3.47 3.97
C3' OMU B 1 8.20 5.94 1.24
C4' OMU B 1 8.97 7.15 1.76
O3' OMU B 1 8.90 5.25 0.21
O4' OMU B 1 8.43 7.44 3.05
C5' OMU B 1 8.92 8.38 0.84
O5' OMU B 1 7.59 8.83 0.57
HN3 OMU B 1 3.87 5.02 5.43
H5 OMU B 1 3.77 8.49 3.09
H6 OMU B 1 6.14 8.23 2.63
H1' OMU B 1 8.25 6.00 4.53
H2' OMU B 1 7.23 4.45 2.47
HM21 OMU B 1 10.10 2.95 4.13
HM22 OMU B 1 8.88 3.97 4.90
HM23 OMU B 1 8.39 2.73 3.72
H3' OMU B 1 7.22 6.26 0.92
H4' OMU B 1 10.01 6.85 1.88
H5' OMU B 1 9.49 9.19 1.30
H5'' OMU B 1 9.41 8.12 -0.11
HO5' OMU B 1 7.62 9.57 -0.07
O5' LCC B 2 7.23 3.34 -0.08
C5' LCC B 2 7.83 2.19 0.48
C4' LCC B 2 6.82 1.38 1.32
O4' LCC B 2 6.26 2.17 2.39
C1' LCC B 2 5.10 1.47 2.81
N1 LCC B 2 3.87 2.30 2.67
C6 LCC B 2 3.84 3.48 1.98
C5 LCC B 2 2.75 4.27 1.98
C5M LCC B 2 2.74 5.55 1.14
C4 LCC B 2 1.66 3.80 2.76
N4 LCC B 2 0.59 4.52 2.88
N3 LCC B 2 1.65 2.67 3.42
C2 LCC B 2 2.75 1.92 3.38
O2 LCC B 2 2.72 0.87 4.02
C3' LCC B 2 5.62 0.85 0.56
C2' LCC B 2 5.11 0.25 1.88
O2' LCC B 2 6.17 -0.60 2.32
O3' LCC B 2 5.89 -0.11 -0.45
C6' LCC B 2 7.36 0.10 1.96
P LCC B 2 8.08 4.42 -0.90
O1P LCC B 2 9.06 3.69 -1.75
O2P LCC B 2 7.12 5.34 -1.56
H5'1 LCC B 2 8.67 2.48 1.12
H5'2 LCC B 2 8.20 1.55 -0.32
H1' LCC B 2 5.21 1.14 3.85
H6 LCC B 2 4.72 3.78 1.41
H5M1 LCC B 2 1.99 5.45 0.35
H5M2 LCC B 2 2.47 6.41 1.74
H5M3 LCC B 2 3.71 5.75 0.69
H41 LCC B 2 -0.11 4.16 3.50
H42 LCC B 2 0.62 5.46 2.55
H3' LCC B 2 4.97 1.65 0.20
H2'1 LCC B 2 4.15 -0.25 1.80
H6'1 LCC B 2 7.99 0.32 2.83
H6'2 LCC B 2 7.94 -0.48 1.23
N1 OMC B 3 0.41 -0.67 1.82
C2 OMC B 3 -0.85 -0.39 2.35
N3 OMC B 3 -1.47 0.79 2.08
C4 OMC B 3 -0.87 1.63 1.26
C5 OMC B 3 0.38 1.38 0.65
C6 OMC B 3 1.00 0.22 0.96
O2 OMC B 3 -1.44 -1.18 3.09
N4 OMC B 3 -1.51 2.75 1.04
C1' OMC B 3 1.06 -1.96 2.22
C2' OMC B 3 0.44 -3.13 1.44
O2' OMC B 3 0.45 -4.32 2.25
CM2 OMC B 3 -0.58 -4.36 3.26
C3' OMC B 3 1.40 -3.20 0.24
C4' OMC B 3 2.73 -2.98 0.96
O4' OMC B 3 2.46 -1.98 1.94
O3' OMC B 3 1.31 -4.42 -0.49
C5' OMC B 3 3.89 -2.58 0.06
O5' OMC B 3 3.65 -1.33 -0.57
P OMC B 3 4.76 -0.60 -1.48
OP1 OMC B 3 5.38 -1.61 -2.38
OP2 OMC B 3 4.15 0.61 -2.08
H5 OMC B 3 0.85 2.08 -0.04
H6 OMC B 3 1.96 -0.01 0.52
HN41 OMC B 3 -2.38 2.89 1.52
HN42 OMC B 3 -1.13 3.42 0.41
H1' OMC B 3 0.92 -2.10 3.29
H2' OMC B 3 -0.56 -2.89 1.10
HM21 OMC B 3 -1.56 -4.25 2.79
HM22 OMC B 3 -0.55 -5.30 3.78
HM23 OMC B 3 -0.45 -3.56 3.99
H3' OMC B 3 1.21 -2.35 -0.43
H4' OMC B 3 2.98 -3.91 1.48
H5' OMC B 3 4.81 -2.51 0.65
H5'' OMC B 3 4.03 -3.35 -0.70
P LCG B 4 0.31 -4.56 -1.74
OP1 LCG B 4 0.34 -5.98 -2.18
O5' LCG B 4 -1.16 -4.23 -1.18
C5' LCG B 4 -1.84 -5.16 -0.35
C3' LCG B 4 -4.22 -4.26 -0.88
C6' LCG B 4 -3.95 -5.53 1.09
N9 LCG B 4 -4.35 -1.44 0.36
C8 LCG B 4 -3.38 -0.76 -0.33
C4 LCG B 4 -5.36 -0.53 0.54
N7 LCG B 4 -3.67 0.49 -0.59
C5 LCG B 4 -4.93 0.65 -0.01
C6 LCG B 4 -5.81 1.79 0.14
C2' LCG B 4 -5.15 -3.82 0.24
O6 LCG B 4 -5.64 2.96 -0.22
C4' LCG B 4 -3.16 -4.59 0.17
C1' LCG B 4 -4.30 -2.78 0.98
C2 LCG B 4 -7.29 0.32 1.27
N1 LCG B 4 -6.98 1.52 0.79
O4' LCG B 4 -3.00 -3.35 0.87
OP2 LCG B 4 0.66 -3.51 -2.72
N2 LCG B 4 -8.44 0.22 1.84
N3 LCG B 4 -6.53 -0.75 1.19
O2' LCG B 4 -5.26 -4.96 1.12
O3' LCG B 4 -4.68 -5.38 -1.63
H5' LCG B 4 -1.21 -5.42 0.51
H5'' LCG B 4 -2.06 -6.06 -0.91
H3' LCG B 4 -3.91 -3.44 -1.52
H6'1 LCG B 4 -3.51 -5.56 2.10
H6'2 LCG B 4 -3.99 -6.53 0.68
H8 LCG B 4 -2.44 -1.22 -0.63
H2' LCG B 4 -6.11 -3.42 -0.09
H1' LCG B 4 -4.61 -2.71 2.02
H1 LCG B 4 -7.61 2.29 0.91
H21 LCG B 4 -8.70 -0.67 2.21
H22 LCG B 4 -9.04 1.03 1.89
N1 OMU B 5 -9.03 -1.38 -1.62
C2 OMU B 5 -9.73 -0.17 -1.42
N3 OMU B 5 -9.11 0.98 -1.85
C4 OMU B 5 -7.88 1.06 -2.43
C5 OMU B 5 -7.18 -0.21 -2.55
C6 OMU B 5 -7.76 -1.37 -2.15
O2 OMU B 5 -10.86 -0.11 -0.93
O4 OMU B 5 -7.43 2.14 -2.81
C1' OMU B 5 -9.74 -2.66 -1.36
C2' OMU B 5 -10.00 -3.44 -2.67
O2' OMU B 5 -11.22 -3.06 -3.35
CM2 OMU B 5 -11.04 -1.99 -4.30
C3' OMU B 5 -10.11 -4.87 -2.12
C4' OMU B 5 -9.15 -4.88 -0.92
O3' OMU B 5 -11.45 -5.13 -1.72
O4' OMU B 5 -8.97 -3.51 -0.52
C5' OMU B 5 -7.80 -5.51 -1.29
O5' OMU B 5 -7.07 -4.72 -2.22
P OMU B 5 -5.69 -5.22 -2.86
OP1 OMU B 5 -5.89 -6.57 -3.45
OP2 OMU B 5 -5.18 -4.13 -3.73
HN3 OMU B 5 -9.62 1.86 -1.75
H5 OMU B 5 -6.20 -0.22 -2.99
H6 OMU B 5 -7.22 -2.29 -2.25
H1' OMU B 5 -10.71 -2.48 -0.89
H2' OMU B 5 -9.13 -3.39 -3.33
HM21 OMU B 5 -10.30 -2.25 -5.06
HM22 OMU B 5 -10.73 -1.07 -3.81
HM23 OMU B 5 -11.99 -1.79 -4.81
H3' OMU B 5 -9.80 -5.59 -2.88
H4' OMU B 5 -9.60 -5.45 -0.11
HO3' OMU B 5 -11.98 -4.56 -2.32
H5' OMU B 5 -7.21 -5.64 -0.37
H5'' OMU B 5 -7.98 -6.51 -1.70
#